data_3HS7
#
_entry.id   3HS7
#
_cell.length_a   119.294
_cell.length_b   131.708
_cell.length_c   179.243
_cell.angle_alpha   90.00
_cell.angle_beta   90.00
_cell.angle_gamma   90.00
#
_symmetry.space_group_name_H-M   'I 2 2 2'
#
loop_
_entity.id
_entity.type
_entity.pdbx_description
1 polymer 'Prostaglandin G/H synthase 2'
2 branched 2-acetamido-2-deoxy-beta-D-glucopyranose-(1-4)-2-acetamido-2-deoxy-beta-D-glucopyranose
3 branched alpha-D-mannopyranose-(1-4)-2-acetamido-2-deoxy-beta-D-glucopyranose-(1-4)-2-acetamido-2-deoxy-beta-D-glucopyranose
4 non-polymer 'ACRYLIC ACID'
5 non-polymer 'PROTOPORPHYRIN IX CONTAINING CO'
6 non-polymer 2-acetamido-2-deoxy-beta-D-glucopyranose
7 non-polymer 'octyl beta-D-glucopyranoside'
8 non-polymer 'DOCOSA-4,7,10,13,16,19-HEXAENOIC ACID'
9 non-polymer 1,2-ETHANEDIOL
10 water water
#
_entity_poly.entity_id   1
_entity_poly.type   'polypeptide(L)'
_entity_poly.pdbx_seq_one_letter_code
;HHHHHHPCCSNPCQNRGECMSTGFDQYKCDCTRTGFYGENCTTPEFLTRIKLLLKPTPNTVHYILTHFKGVWNIVNNIPF
LRSLIMKYVLTSRSYLIDSPPTYNVHYGYKSWEAFSNLSYYTRALPPVADDCPTPMGVKGNKELPDSKEVLEKVLLRREF
IPDPQGSNMMFAFFAQHFTHQFFKTDHKRGPGFTRGLGHGVDLNHIYGETLDRQHKLRLFKDGKLKYQVIGGEVYPPTVK
DTQVEMIYPPHIPENLQFAVGQEVFGLVPGLMMYATIWLREHNRVCDILKQEHPEWGDEQLFQTSRLILIGETIKIVIED
YVQHLSGYHFKLKFDPELLFNQQFQYQNRIASEFNTLYHWHPLLPDTFNIEDQEYSFKQFLYNNSILLEHGLTQFVESFT
RQIAGRVAGGRNVPIAVQAVAKASIDQSREMKYQSLNEYRKRFSLKPYTSFEELTGEKEMAAELKALYSDIDVMELYPAL
LVEKPRPDAIFGETMVELGAPFSLKGLMGNPICSPQYWKPSTFGGEVGFKIINTASIQSLICNNVKGCPFTSFNVQDPQP
TKTATIAASASHSRLDDINPTVLIKRRSTEL
;
_entity_poly.pdbx_strand_id   A,B
#
# COMPACT_ATOMS: atom_id res chain seq x y z
N HIS A 5 -20.81 -22.82 -20.58
CA HIS A 5 -19.97 -21.61 -20.36
C HIS A 5 -20.23 -20.97 -18.99
N HIS A 6 -19.34 -20.05 -18.58
CA HIS A 6 -19.47 -19.34 -17.30
C HIS A 6 -20.85 -18.67 -17.16
N PRO A 7 -21.54 -18.92 -16.04
CA PRO A 7 -22.90 -18.40 -15.81
C PRO A 7 -22.98 -16.87 -15.67
N CYS A 8 -21.84 -16.23 -15.44
CA CYS A 8 -21.80 -14.78 -15.27
C CYS A 8 -21.46 -14.01 -16.56
N CYS A 9 -21.37 -14.74 -17.67
CA CYS A 9 -21.01 -14.14 -18.96
C CYS A 9 -21.92 -12.98 -19.38
N SER A 10 -23.20 -13.06 -19.01
CA SER A 10 -24.16 -12.02 -19.36
C SER A 10 -24.07 -10.77 -18.46
N ASN A 11 -23.16 -10.80 -17.49
CA ASN A 11 -23.06 -9.75 -16.46
C ASN A 11 -24.43 -9.44 -15.84
N PRO A 12 -25.05 -10.45 -15.20
CA PRO A 12 -26.41 -10.25 -14.71
C PRO A 12 -26.51 -9.29 -13.51
N CYS A 13 -25.49 -9.24 -12.68
CA CYS A 13 -25.50 -8.41 -11.46
C CYS A 13 -25.32 -6.93 -11.76
N GLN A 14 -26.20 -6.11 -11.19
CA GLN A 14 -26.21 -4.67 -11.44
C GLN A 14 -25.74 -3.88 -10.22
N ASN A 15 -25.44 -2.61 -10.44
CA ASN A 15 -25.20 -1.63 -9.37
C ASN A 15 -24.06 -1.99 -8.44
N ARG A 16 -22.99 -2.54 -9.02
CA ARG A 16 -21.77 -2.92 -8.30
C ARG A 16 -21.94 -4.18 -7.43
N GLY A 17 -22.99 -4.93 -7.70
CA GLY A 17 -23.15 -6.27 -7.12
C GLY A 17 -22.11 -7.19 -7.74
N GLU A 18 -21.79 -8.27 -7.05
CA GLU A 18 -20.72 -9.18 -7.51
C GLU A 18 -21.25 -10.54 -7.93
N CYS A 19 -20.85 -10.97 -9.12
CA CYS A 19 -21.31 -12.24 -9.67
C CYS A 19 -20.44 -13.41 -9.25
N MET A 20 -21.08 -14.50 -8.88
CA MET A 20 -20.42 -15.73 -8.47
C MET A 20 -21.24 -16.92 -8.98
N SER A 21 -20.57 -17.83 -9.69
CA SER A 21 -21.22 -19.07 -10.13
C SER A 21 -21.50 -19.96 -8.92
N THR A 22 -22.69 -20.55 -8.91
CA THR A 22 -23.06 -21.53 -7.88
C THR A 22 -23.49 -22.83 -8.55
N GLY A 23 -22.62 -23.37 -9.38
CA GLY A 23 -22.97 -24.52 -10.21
C GLY A 23 -22.71 -24.21 -11.66
N PHE A 24 -22.82 -25.21 -12.52
CA PHE A 24 -22.48 -25.06 -13.94
C PHE A 24 -23.36 -24.07 -14.71
N ASP A 25 -24.63 -23.97 -14.31
CA ASP A 25 -25.59 -23.10 -14.99
C ASP A 25 -26.31 -22.12 -14.04
N GLN A 26 -25.80 -22.00 -12.82
CA GLN A 26 -26.40 -21.12 -11.81
C GLN A 26 -25.43 -20.03 -11.37
N TYR A 27 -25.98 -18.86 -11.03
CA TYR A 27 -25.19 -17.79 -10.44
C TYR A 27 -25.90 -17.21 -9.23
N LYS A 28 -25.18 -16.43 -8.44
CA LYS A 28 -25.73 -15.67 -7.32
C LYS A 28 -25.06 -14.32 -7.29
N CYS A 29 -25.85 -13.27 -7.11
CA CYS A 29 -25.31 -11.92 -7.00
C CYS A 29 -25.13 -11.55 -5.53
N ASP A 30 -24.01 -10.90 -5.23
CA ASP A 30 -23.76 -10.40 -3.89
C ASP A 30 -24.08 -8.92 -3.83
N CYS A 31 -25.19 -8.58 -3.17
CA CYS A 31 -25.70 -7.21 -3.18
C CYS A 31 -25.21 -6.36 -1.99
N THR A 32 -24.26 -6.89 -1.23
CA THR A 32 -23.74 -6.23 -0.02
C THR A 32 -23.30 -4.77 -0.26
N ARG A 33 -23.93 -3.86 0.47
CA ARG A 33 -23.66 -2.42 0.46
C ARG A 33 -23.82 -1.72 -0.91
N THR A 34 -24.60 -2.34 -1.80
CA THR A 34 -24.90 -1.73 -3.10
C THR A 34 -26.05 -0.74 -2.99
N GLY A 35 -26.87 -0.92 -1.95
CA GLY A 35 -28.10 -0.15 -1.79
C GLY A 35 -29.25 -0.78 -2.55
N PHE A 36 -29.01 -1.99 -3.07
CA PHE A 36 -30.00 -2.71 -3.86
C PHE A 36 -30.13 -4.15 -3.36
N TYR A 37 -31.20 -4.82 -3.79
CA TYR A 37 -31.40 -6.25 -3.50
C TYR A 37 -32.17 -6.95 -4.63
N GLY A 38 -32.50 -8.22 -4.41
CA GLY A 38 -33.12 -9.04 -5.44
C GLY A 38 -32.08 -9.83 -6.20
N GLU A 39 -32.53 -10.76 -7.03
CA GLU A 39 -31.65 -11.70 -7.75
C GLU A 39 -30.48 -11.02 -8.47
N ASN A 40 -30.69 -9.81 -8.98
CA ASN A 40 -29.67 -9.09 -9.74
C ASN A 40 -29.29 -7.73 -9.15
N CYS A 41 -29.65 -7.51 -7.89
CA CYS A 41 -29.50 -6.21 -7.20
C CYS A 41 -30.14 -5.09 -8.01
N THR A 42 -31.39 -5.27 -8.39
CA THR A 42 -32.11 -4.28 -9.21
C THR A 42 -33.16 -3.49 -8.43
N THR A 43 -33.67 -4.06 -7.34
CA THR A 43 -34.63 -3.37 -6.48
C THR A 43 -33.90 -2.48 -5.47
N PRO A 44 -34.20 -1.17 -5.48
CA PRO A 44 -33.55 -0.23 -4.56
C PRO A 44 -34.15 -0.21 -3.16
N GLU A 45 -33.30 0.06 -2.16
CA GLU A 45 -33.75 0.30 -0.80
C GLU A 45 -34.40 1.68 -0.74
N PHE A 46 -35.20 1.93 0.30
CA PHE A 46 -35.94 3.18 0.43
C PHE A 46 -35.02 4.42 0.42
N LEU A 47 -33.91 4.34 1.15
CA LEU A 47 -32.90 5.38 1.18
C LEU A 47 -32.32 5.63 -0.22
N THR A 48 -32.07 4.54 -0.93
CA THR A 48 -31.47 4.57 -2.26
C THR A 48 -32.40 5.19 -3.30
N ARG A 49 -33.69 4.85 -3.21
CA ARG A 49 -34.71 5.33 -4.16
C ARG A 49 -34.83 6.85 -4.15
N ILE A 50 -34.85 7.44 -2.95
CA ILE A 50 -34.89 8.89 -2.77
C ILE A 50 -33.57 9.51 -3.26
N LYS A 51 -32.46 8.85 -2.95
CA LYS A 51 -31.13 9.30 -3.36
C LYS A 51 -30.97 9.32 -4.89
N LEU A 52 -31.63 8.38 -5.56
CA LEU A 52 -31.64 8.32 -7.04
C LEU A 52 -32.44 9.44 -7.67
N LEU A 53 -33.59 9.77 -7.06
CA LEU A 53 -34.47 10.82 -7.57
C LEU A 53 -33.87 12.22 -7.46
N LEU A 54 -32.95 12.39 -6.52
CA LEU A 54 -32.33 13.70 -6.25
C LEU A 54 -30.99 13.93 -6.95
N LYS A 55 -30.26 12.85 -7.23
CA LYS A 55 -28.93 12.92 -7.82
C LYS A 55 -28.97 13.53 -9.24
N PRO A 56 -28.28 14.67 -9.44
CA PRO A 56 -28.26 15.30 -10.76
C PRO A 56 -27.36 14.53 -11.72
N THR A 57 -27.79 14.40 -12.96
CA THR A 57 -27.00 13.73 -13.99
C THR A 57 -25.68 14.47 -14.23
N PRO A 58 -24.62 13.73 -14.61
CA PRO A 58 -23.29 14.32 -14.83
C PRO A 58 -23.31 15.55 -15.73
N ASN A 59 -24.17 15.54 -16.74
CA ASN A 59 -24.29 16.66 -17.68
C ASN A 59 -24.94 17.92 -17.08
N THR A 60 -25.73 17.76 -16.02
CA THR A 60 -26.31 18.90 -15.31
C THR A 60 -25.25 19.56 -14.42
N VAL A 61 -24.49 18.74 -13.71
CA VAL A 61 -23.38 19.22 -12.88
C VAL A 61 -22.31 19.92 -13.73
N HIS A 62 -22.05 19.38 -14.91
CA HIS A 62 -21.11 19.99 -15.87
C HIS A 62 -21.60 21.37 -16.33
N TYR A 63 -22.90 21.49 -16.59
CA TYR A 63 -23.51 22.74 -17.00
C TYR A 63 -23.32 23.83 -15.94
N ILE A 64 -23.67 23.50 -14.70
CA ILE A 64 -23.54 24.43 -13.57
C ILE A 64 -22.09 24.91 -13.41
N LEU A 65 -21.14 23.98 -13.47
CA LEU A 65 -19.73 24.29 -13.28
C LEU A 65 -19.08 25.05 -14.44
N THR A 66 -19.70 24.98 -15.62
CA THR A 66 -19.20 25.70 -16.80
C THR A 66 -20.11 26.86 -17.22
N HIS A 67 -21.03 27.24 -16.34
CA HIS A 67 -21.86 28.43 -16.53
C HIS A 67 -21.90 29.24 -15.24
N PHE A 68 -22.76 30.26 -15.19
CA PHE A 68 -22.90 31.14 -14.02
C PHE A 68 -21.55 31.68 -13.54
N LYS A 69 -20.76 32.19 -14.49
CA LYS A 69 -19.41 32.72 -14.22
C LYS A 69 -19.39 33.74 -13.07
N GLY A 70 -20.42 34.56 -12.99
CA GLY A 70 -20.55 35.60 -11.96
C GLY A 70 -20.63 35.04 -10.56
N VAL A 71 -21.35 33.93 -10.40
CA VAL A 71 -21.48 33.25 -9.11
C VAL A 71 -20.17 32.56 -8.72
N TRP A 72 -19.50 31.96 -9.69
CA TRP A 72 -18.24 31.26 -9.44
C TRP A 72 -17.09 32.19 -9.06
N ASN A 73 -17.06 33.39 -9.65
CA ASN A 73 -16.12 34.45 -9.25
C ASN A 73 -16.25 34.76 -7.77
N ILE A 74 -17.48 34.75 -7.27
CA ILE A 74 -17.75 34.98 -5.84
C ILE A 74 -17.30 33.77 -5.02
N VAL A 75 -17.73 32.58 -5.42
CA VAL A 75 -17.39 31.34 -4.71
C VAL A 75 -15.87 31.12 -4.64
N ASN A 76 -15.19 31.33 -5.77
CA ASN A 76 -13.74 31.18 -5.84
C ASN A 76 -12.95 32.08 -4.88
N ASN A 77 -13.56 33.20 -4.50
CA ASN A 77 -12.91 34.17 -3.61
C ASN A 77 -13.37 34.13 -2.15
N ILE A 78 -14.18 33.12 -1.82
CA ILE A 78 -14.52 32.83 -0.43
C ILE A 78 -13.90 31.48 -0.07
N PRO A 79 -12.75 31.51 0.65
CA PRO A 79 -11.95 30.32 0.99
C PRO A 79 -12.77 29.18 1.58
N PHE A 80 -13.65 29.51 2.53
CA PHE A 80 -14.53 28.51 3.16
C PHE A 80 -15.44 27.83 2.14
N LEU A 81 -15.94 28.59 1.18
CA LEU A 81 -16.88 28.10 0.18
C LEU A 81 -16.17 27.28 -0.90
N ARG A 82 -15.02 27.79 -1.35
CA ARG A 82 -14.17 27.12 -2.34
C ARG A 82 -13.71 25.76 -1.81
N SER A 83 -13.30 25.72 -0.54
CA SER A 83 -12.86 24.50 0.12
C SER A 83 -13.99 23.48 0.22
N LEU A 84 -15.17 23.95 0.59
CA LEU A 84 -16.34 23.08 0.75
C LEU A 84 -16.68 22.38 -0.55
N ILE A 85 -16.69 23.12 -1.66
CA ILE A 85 -17.02 22.56 -2.97
C ILE A 85 -15.94 21.58 -3.43
N MET A 86 -14.68 21.96 -3.29
CA MET A 86 -13.55 21.09 -3.61
C MET A 86 -13.60 19.79 -2.81
N LYS A 87 -14.01 19.88 -1.54
CA LYS A 87 -14.18 18.70 -0.68
C LYS A 87 -15.20 17.72 -1.23
N TYR A 88 -16.33 18.24 -1.73
CA TYR A 88 -17.34 17.37 -2.34
C TYR A 88 -16.83 16.75 -3.64
N VAL A 89 -16.21 17.58 -4.48
CA VAL A 89 -15.58 17.14 -5.72
C VAL A 89 -14.66 15.93 -5.48
N LEU A 90 -13.81 16.02 -4.47
CA LEU A 90 -12.86 14.95 -4.15
C LEU A 90 -13.54 13.67 -3.66
N THR A 91 -14.45 13.83 -2.71
CA THR A 91 -15.09 12.69 -2.03
C THR A 91 -16.09 11.94 -2.90
N SER A 92 -16.87 12.67 -3.71
CA SER A 92 -17.90 12.06 -4.55
C SER A 92 -17.31 11.18 -5.67
N ARG A 93 -16.09 11.51 -6.10
CA ARG A 93 -15.44 10.79 -7.20
C ARG A 93 -14.52 9.67 -6.72
N SER A 94 -13.88 9.88 -5.58
CA SER A 94 -13.02 8.86 -4.96
C SER A 94 -13.77 7.55 -4.69
N TYR A 95 -15.03 7.68 -4.27
CA TYR A 95 -15.91 6.55 -3.94
C TYR A 95 -16.13 5.54 -5.07
N LEU A 96 -15.90 5.94 -6.32
CA LEU A 96 -16.10 5.06 -7.47
C LEU A 96 -14.94 4.10 -7.73
N ILE A 97 -13.84 4.27 -6.99
CA ILE A 97 -12.65 3.46 -7.19
C ILE A 97 -12.50 2.43 -6.06
N ASP A 98 -12.21 1.19 -6.42
CA ASP A 98 -11.88 0.14 -5.45
C ASP A 98 -10.49 0.37 -4.84
N SER A 99 -10.46 0.57 -3.52
CA SER A 99 -9.23 0.82 -2.80
C SER A 99 -9.35 0.29 -1.37
N PRO A 100 -8.64 -0.80 -1.04
CA PRO A 100 -7.68 -1.64 -1.78
C PRO A 100 -8.21 -2.23 -3.09
N PRO A 101 -7.34 -2.36 -4.11
CA PRO A 101 -7.74 -2.80 -5.45
C PRO A 101 -8.20 -4.25 -5.46
N THR A 102 -8.89 -4.64 -6.54
CA THR A 102 -9.53 -5.95 -6.62
C THR A 102 -9.07 -6.81 -7.80
N TYR A 103 -9.62 -6.58 -8.99
CA TYR A 103 -9.41 -7.49 -10.11
C TYR A 103 -8.20 -7.11 -10.96
N ASN A 104 -7.73 -8.07 -11.75
CA ASN A 104 -6.80 -7.77 -12.82
C ASN A 104 -7.08 -8.66 -14.04
N VAL A 105 -6.24 -8.53 -15.06
CA VAL A 105 -6.41 -9.25 -16.30
C VAL A 105 -6.59 -10.76 -16.10
N HIS A 106 -5.98 -11.32 -15.05
CA HIS A 106 -6.03 -12.76 -14.80
C HIS A 106 -7.04 -13.21 -13.75
N TYR A 107 -7.56 -12.26 -12.97
CA TYR A 107 -8.48 -12.61 -11.90
C TYR A 107 -9.78 -11.82 -11.94
N GLY A 108 -10.86 -12.49 -12.35
CA GLY A 108 -12.19 -11.91 -12.37
C GLY A 108 -12.96 -12.18 -11.09
N TYR A 109 -12.20 -12.47 -10.02
CA TYR A 109 -12.69 -12.69 -8.68
C TYR A 109 -11.54 -12.24 -7.79
N LYS A 110 -11.85 -11.79 -6.57
CA LYS A 110 -10.81 -11.32 -5.65
C LYS A 110 -9.87 -12.46 -5.24
N SER A 111 -8.58 -12.15 -5.20
CA SER A 111 -7.56 -13.12 -4.80
C SER A 111 -6.33 -12.40 -4.27
N TRP A 112 -5.58 -13.06 -3.39
CA TRP A 112 -4.35 -12.48 -2.86
C TRP A 112 -3.30 -12.22 -3.94
N GLU A 113 -3.29 -13.05 -4.97
CA GLU A 113 -2.40 -12.83 -6.10
C GLU A 113 -2.71 -11.48 -6.75
N ALA A 114 -3.99 -11.23 -6.99
CA ALA A 114 -4.43 -9.98 -7.59
C ALA A 114 -4.08 -8.77 -6.73
N PHE A 115 -4.28 -8.90 -5.41
CA PHE A 115 -3.94 -7.82 -4.50
C PHE A 115 -2.42 -7.55 -4.39
N SER A 116 -1.64 -8.60 -4.19
CA SER A 116 -0.23 -8.43 -3.81
C SER A 116 0.71 -8.18 -4.97
N ASN A 117 0.34 -8.64 -6.16
CA ASN A 117 1.22 -8.54 -7.34
C ASN A 117 1.11 -7.16 -7.99
N LEU A 118 2.14 -6.34 -7.76
CA LEU A 118 2.13 -4.96 -8.24
C LEU A 118 2.50 -4.85 -9.72
N SER A 119 2.87 -5.98 -10.33
CA SER A 119 3.25 -6.01 -11.74
C SER A 119 2.04 -5.86 -12.66
N TYR A 120 0.86 -6.24 -12.16
CA TYR A 120 -0.40 -6.04 -12.89
C TYR A 120 -0.92 -4.61 -12.76
N TYR A 121 -1.49 -4.09 -13.83
CA TYR A 121 -2.44 -3.00 -13.69
C TYR A 121 -3.67 -3.62 -13.03
N THR A 122 -4.35 -2.86 -12.19
CA THR A 122 -5.60 -3.35 -11.61
C THR A 122 -6.71 -3.15 -12.65
N ARG A 123 -7.92 -3.61 -12.33
CA ARG A 123 -9.05 -3.54 -13.26
C ARG A 123 -10.31 -3.05 -12.56
N ALA A 124 -10.93 -2.01 -13.14
CA ALA A 124 -12.18 -1.45 -12.64
C ALA A 124 -13.34 -2.40 -12.85
N LEU A 125 -13.25 -3.19 -13.92
CA LEU A 125 -14.20 -4.28 -14.18
C LEU A 125 -13.44 -5.58 -14.43
N PRO A 126 -13.97 -6.70 -13.90
CA PRO A 126 -13.35 -8.00 -14.17
C PRO A 126 -13.30 -8.29 -15.67
N PRO A 127 -12.32 -9.09 -16.11
CA PRO A 127 -12.33 -9.46 -17.53
C PRO A 127 -13.49 -10.38 -17.85
N VAL A 128 -13.93 -10.35 -19.10
CA VAL A 128 -14.88 -11.32 -19.63
C VAL A 128 -14.23 -12.70 -19.54
N ALA A 129 -14.96 -13.68 -19.01
CA ALA A 129 -14.45 -15.05 -18.89
C ALA A 129 -14.01 -15.63 -20.23
N ASP A 130 -13.03 -16.53 -20.19
CA ASP A 130 -12.45 -17.11 -21.41
C ASP A 130 -13.43 -17.94 -22.23
N ASP A 131 -14.38 -18.60 -21.57
CA ASP A 131 -15.30 -19.52 -22.23
C ASP A 131 -16.64 -18.93 -22.67
N CYS A 132 -16.81 -17.62 -22.50
CA CYS A 132 -18.03 -16.92 -22.94
C CYS A 132 -18.27 -17.10 -24.44
N PRO A 133 -19.53 -17.31 -24.85
CA PRO A 133 -19.84 -17.57 -26.25
C PRO A 133 -19.59 -16.36 -27.16
N THR A 134 -19.40 -15.20 -26.54
CA THR A 134 -19.30 -13.93 -27.24
C THR A 134 -18.18 -13.07 -26.61
N PRO A 135 -17.43 -12.31 -27.44
CA PRO A 135 -16.36 -11.45 -26.93
C PRO A 135 -16.79 -10.55 -25.77
N MET A 136 -18.01 -10.08 -25.79
CA MET A 136 -18.46 -9.32 -24.68
C MET A 136 -19.33 -10.11 -23.76
N GLY A 137 -19.38 -11.40 -23.86
CA GLY A 137 -20.30 -12.09 -23.00
C GLY A 137 -21.40 -12.86 -23.67
N VAL A 138 -22.55 -12.29 -23.90
CA VAL A 138 -23.55 -13.12 -24.55
C VAL A 138 -24.10 -12.45 -25.77
N LYS A 139 -24.00 -11.14 -25.79
CA LYS A 139 -24.61 -10.27 -26.79
C LYS A 139 -23.65 -9.98 -27.95
N GLY A 140 -24.22 -9.74 -29.14
CA GLY A 140 -23.43 -9.42 -30.33
C GLY A 140 -23.09 -10.64 -31.17
N ASN A 141 -22.12 -10.47 -32.06
CA ASN A 141 -21.66 -11.53 -32.94
C ASN A 141 -20.50 -12.32 -32.30
N LYS A 142 -20.11 -13.44 -32.92
CA LYS A 142 -19.04 -14.28 -32.40
C LYS A 142 -17.67 -13.60 -32.45
N GLU A 143 -17.52 -12.67 -33.39
CA GLU A 143 -16.31 -11.87 -33.50
C GLU A 143 -16.66 -10.38 -33.46
N LEU A 144 -15.80 -9.60 -32.83
CA LEU A 144 -15.91 -8.15 -32.91
C LEU A 144 -15.49 -7.70 -34.30
N PRO A 145 -15.99 -6.54 -34.75
CA PRO A 145 -15.58 -6.02 -36.05
C PRO A 145 -14.06 -5.86 -36.13
N ASP A 146 -13.50 -6.09 -37.30
CA ASP A 146 -12.07 -5.94 -37.54
C ASP A 146 -11.61 -4.60 -36.98
N SER A 147 -10.53 -4.61 -36.21
CA SER A 147 -10.05 -3.39 -35.55
C SER A 147 -9.59 -2.33 -36.55
N LYS A 148 -8.99 -2.77 -37.66
CA LYS A 148 -8.55 -1.85 -38.71
C LYS A 148 -9.74 -1.11 -39.32
N GLU A 149 -10.84 -1.84 -39.57
CA GLU A 149 -12.09 -1.27 -40.08
C GLU A 149 -12.62 -0.16 -39.19
N VAL A 150 -12.69 -0.44 -37.88
CA VAL A 150 -13.17 0.54 -36.91
C VAL A 150 -12.29 1.78 -36.95
N LEU A 151 -10.98 1.55 -36.84
CA LEU A 151 -9.97 2.60 -36.88
C LEU A 151 -10.16 3.52 -38.09
N GLU A 152 -10.18 2.93 -39.29
CA GLU A 152 -10.25 3.69 -40.54
C GLU A 152 -11.58 4.41 -40.75
N LYS A 153 -12.68 3.77 -40.36
CA LYS A 153 -14.01 4.32 -40.58
C LYS A 153 -14.42 5.42 -39.60
N VAL A 154 -13.98 5.33 -38.34
CA VAL A 154 -14.42 6.30 -37.33
C VAL A 154 -13.31 7.00 -36.50
N LEU A 155 -12.07 6.55 -36.62
CA LEU A 155 -10.99 7.10 -35.78
C LEU A 155 -9.94 7.92 -36.51
N LEU A 156 -9.51 7.47 -37.69
CA LEU A 156 -8.42 8.14 -38.40
C LEU A 156 -8.78 9.56 -38.84
N ARG A 157 -7.78 10.43 -38.80
CA ARG A 157 -7.94 11.85 -39.11
C ARG A 157 -8.10 12.08 -40.60
N ARG A 158 -9.21 12.71 -40.98
CA ARG A 158 -9.40 13.19 -42.34
C ARG A 158 -8.74 14.55 -42.40
N GLU A 159 -9.38 15.52 -41.74
CA GLU A 159 -8.84 16.86 -41.59
C GLU A 159 -8.57 17.08 -40.12
N PHE A 160 -7.53 17.85 -39.80
CA PHE A 160 -7.19 18.16 -38.42
C PHE A 160 -8.32 18.92 -37.75
N ILE A 161 -8.78 18.42 -36.61
CA ILE A 161 -9.80 19.11 -35.82
C ILE A 161 -9.18 19.71 -34.57
N PRO A 162 -9.06 21.04 -34.51
CA PRO A 162 -8.48 21.68 -33.34
C PRO A 162 -9.40 21.57 -32.12
N ASP A 163 -8.80 21.56 -30.94
CA ASP A 163 -9.54 21.52 -29.69
C ASP A 163 -10.23 22.86 -29.42
N PRO A 164 -11.57 22.84 -29.27
CA PRO A 164 -12.33 24.06 -28.99
C PRO A 164 -11.99 24.70 -27.63
N GLN A 165 -11.46 23.89 -26.70
CA GLN A 165 -11.07 24.39 -25.38
C GLN A 165 -9.72 25.10 -25.40
N GLY A 166 -9.04 25.07 -26.55
CA GLY A 166 -7.81 25.82 -26.73
C GLY A 166 -6.54 25.11 -26.29
N SER A 167 -6.66 23.86 -25.85
CA SER A 167 -5.50 23.07 -25.45
C SER A 167 -4.33 23.23 -26.42
N ASN A 168 -3.14 23.44 -25.89
CA ASN A 168 -1.95 23.59 -26.73
C ASN A 168 -0.97 22.42 -26.62
N MET A 169 0.13 22.51 -27.36
CA MET A 169 1.17 21.49 -27.35
C MET A 169 1.96 21.44 -26.04
N MET A 170 1.94 22.55 -25.31
CA MET A 170 2.50 22.60 -23.98
C MET A 170 1.71 21.65 -23.08
N PHE A 171 0.38 21.73 -23.18
CA PHE A 171 -0.53 20.82 -22.48
C PHE A 171 -0.39 19.38 -22.95
N ALA A 172 -0.31 19.18 -24.26
CA ALA A 172 -0.25 17.85 -24.84
C ALA A 172 1.00 17.09 -24.39
N PHE A 173 2.15 17.75 -24.47
CA PHE A 173 3.41 17.14 -24.04
C PHE A 173 3.50 16.98 -22.54
N PHE A 174 2.84 17.86 -21.79
CA PHE A 174 2.75 17.71 -20.34
C PHE A 174 2.02 16.40 -20.00
N ALA A 175 0.85 16.21 -20.61
CA ALA A 175 0.03 15.03 -20.41
C ALA A 175 0.83 13.76 -20.69
N GLN A 176 1.59 13.76 -21.77
CA GLN A 176 2.37 12.60 -22.17
C GLN A 176 3.51 12.34 -21.19
N HIS A 177 4.23 13.40 -20.82
CA HIS A 177 5.35 13.32 -19.89
C HIS A 177 4.89 12.85 -18.53
N PHE A 178 3.87 13.52 -18.00
CA PHE A 178 3.33 13.25 -16.67
C PHE A 178 2.77 11.83 -16.57
N THR A 179 1.86 11.47 -17.47
CA THR A 179 1.17 10.16 -17.35
C THR A 179 2.09 8.98 -17.60
N HIS A 180 3.24 9.23 -18.20
CA HIS A 180 4.20 8.16 -18.48
C HIS A 180 5.10 7.76 -17.31
N GLN A 181 4.82 8.29 -16.13
CA GLN A 181 5.47 7.79 -14.91
C GLN A 181 4.67 6.64 -14.31
N PHE A 182 3.38 6.57 -14.63
CA PHE A 182 2.54 5.47 -14.15
C PHE A 182 1.88 4.61 -15.25
N PHE A 183 2.05 5.00 -16.51
CA PHE A 183 1.71 4.12 -17.63
C PHE A 183 3.01 3.64 -18.27
N LYS A 184 3.53 2.54 -17.76
CA LYS A 184 4.79 1.96 -18.22
C LYS A 184 4.55 0.47 -18.47
N THR A 185 3.89 0.18 -19.59
CA THR A 185 3.41 -1.17 -19.87
C THR A 185 4.57 -2.11 -20.16
N ASP A 186 4.62 -3.23 -19.43
CA ASP A 186 5.66 -4.23 -19.57
C ASP A 186 5.34 -5.15 -20.75
N HIS A 187 5.90 -4.81 -21.91
CA HIS A 187 5.61 -5.55 -23.15
C HIS A 187 6.18 -6.97 -23.16
N LYS A 188 7.26 -7.19 -22.42
CA LYS A 188 7.82 -8.53 -22.22
C LYS A 188 6.80 -9.48 -21.58
N ARG A 189 5.90 -8.92 -20.78
CA ARG A 189 4.89 -9.71 -20.06
C ARG A 189 3.52 -9.68 -20.73
N GLY A 190 3.07 -8.49 -21.11
CA GLY A 190 1.74 -8.32 -21.68
C GLY A 190 1.13 -6.96 -21.40
N PRO A 191 0.06 -6.61 -22.12
CA PRO A 191 -0.57 -5.29 -22.01
C PRO A 191 -1.26 -5.04 -20.67
N GLY A 192 -1.53 -6.10 -19.92
CA GLY A 192 -2.15 -5.97 -18.61
C GLY A 192 -1.14 -5.84 -17.48
N PHE A 193 0.12 -5.61 -17.84
CA PHE A 193 1.24 -5.54 -16.90
C PHE A 193 1.95 -4.21 -16.97
N THR A 194 2.49 -3.77 -15.83
CA THR A 194 3.19 -2.49 -15.73
C THR A 194 4.60 -2.62 -15.13
N ARG A 195 5.48 -1.72 -15.53
CA ARG A 195 6.83 -1.62 -14.99
C ARG A 195 6.91 -0.57 -13.89
N GLY A 196 5.81 0.18 -13.73
CA GLY A 196 5.73 1.27 -12.75
C GLY A 196 5.13 0.81 -11.45
N LEU A 197 5.97 0.22 -10.60
CA LEU A 197 5.51 -0.44 -9.38
C LEU A 197 5.12 0.52 -8.26
N GLY A 198 5.41 1.81 -8.45
CA GLY A 198 4.95 2.85 -7.54
C GLY A 198 3.45 3.09 -7.64
N HIS A 199 2.88 2.82 -8.81
CA HIS A 199 1.43 2.94 -9.06
C HIS A 199 0.88 4.33 -8.75
N GLY A 200 1.60 5.35 -9.20
CA GLY A 200 1.18 6.73 -8.98
C GLY A 200 2.29 7.74 -9.22
N VAL A 201 2.16 8.88 -8.56
CA VAL A 201 3.06 10.01 -8.80
C VAL A 201 4.27 9.92 -7.87
N ASP A 202 5.29 9.19 -8.31
CA ASP A 202 6.53 9.05 -7.57
C ASP A 202 7.70 9.71 -8.29
N LEU A 203 7.42 10.21 -9.49
CA LEU A 203 8.39 10.91 -10.33
C LEU A 203 9.53 10.01 -10.82
N ASN A 204 9.21 8.75 -11.08
CA ASN A 204 10.23 7.79 -11.55
C ASN A 204 10.70 8.16 -12.95
N HIS A 205 9.88 8.90 -13.67
CA HIS A 205 10.22 9.39 -15.01
C HIS A 205 11.30 10.47 -14.97
N ILE A 206 11.61 10.96 -13.77
CA ILE A 206 12.74 11.87 -13.58
C ILE A 206 13.89 11.16 -12.86
N TYR A 207 13.54 10.36 -11.84
CA TYR A 207 14.53 9.80 -10.93
C TYR A 207 14.95 8.36 -11.23
N GLY A 208 14.20 7.67 -12.07
CA GLY A 208 14.46 6.25 -12.35
C GLY A 208 13.59 5.35 -11.49
N GLU A 209 13.13 4.25 -12.09
CA GLU A 209 12.27 3.30 -11.40
C GLU A 209 13.02 2.58 -10.28
N THR A 210 14.23 2.13 -10.57
CA THR A 210 15.02 1.39 -9.59
C THR A 210 16.08 2.28 -8.97
N LEU A 211 16.53 1.91 -7.77
CA LEU A 211 17.59 2.62 -7.07
C LEU A 211 18.87 2.62 -7.90
N ASP A 212 19.13 1.50 -8.56
CA ASP A 212 20.32 1.31 -9.38
C ASP A 212 20.39 2.37 -10.47
N ARG A 213 19.24 2.66 -11.06
CA ARG A 213 19.13 3.67 -12.11
C ARG A 213 19.23 5.09 -11.54
N GLN A 214 18.56 5.32 -10.41
CA GLN A 214 18.61 6.61 -9.72
C GLN A 214 20.04 7.06 -9.44
N HIS A 215 20.85 6.13 -8.94
CA HIS A 215 22.21 6.43 -8.54
C HIS A 215 23.15 6.75 -9.70
N LYS A 216 22.86 6.20 -10.88
CA LYS A 216 23.62 6.54 -12.08
C LYS A 216 23.26 7.95 -12.57
N LEU A 217 22.04 8.39 -12.25
CA LEU A 217 21.56 9.71 -12.65
C LEU A 217 21.91 10.81 -11.66
N ARG A 218 22.41 10.44 -10.48
CA ARG A 218 22.71 11.42 -9.43
C ARG A 218 24.14 11.93 -9.48
N LEU A 219 24.33 13.16 -9.02
CA LEU A 219 25.66 13.76 -8.96
C LEU A 219 26.40 13.35 -7.69
N PHE A 220 25.63 13.15 -6.61
CA PHE A 220 26.14 12.86 -5.26
C PHE A 220 26.91 14.01 -4.61
N LYS A 221 26.67 15.20 -5.15
CA LYS A 221 27.07 16.46 -4.55
C LYS A 221 25.83 17.35 -4.49
N ASP A 222 25.65 18.01 -3.35
CA ASP A 222 24.51 18.94 -3.12
C ASP A 222 23.11 18.39 -3.45
N GLY A 223 22.98 17.06 -3.53
CA GLY A 223 21.69 16.41 -3.74
C GLY A 223 21.20 16.40 -5.18
N LYS A 224 22.05 16.89 -6.08
CA LYS A 224 21.64 17.17 -7.45
C LYS A 224 21.68 15.96 -8.37
N LEU A 225 21.01 16.10 -9.52
CA LEU A 225 21.10 15.14 -10.60
C LEU A 225 22.23 15.56 -11.54
N LYS A 226 22.83 14.56 -12.19
CA LYS A 226 23.86 14.81 -13.19
C LYS A 226 23.31 15.63 -14.35
N TYR A 227 24.20 16.34 -15.02
CA TYR A 227 23.81 17.20 -16.14
C TYR A 227 25.02 17.54 -17.01
N GLN A 228 24.75 18.01 -18.21
CA GLN A 228 25.78 18.57 -19.07
C GLN A 228 25.45 20.02 -19.45
N VAL A 229 26.48 20.78 -19.79
CA VAL A 229 26.29 22.17 -20.19
C VAL A 229 26.69 22.31 -21.65
N ILE A 230 25.69 22.49 -22.52
CA ILE A 230 25.93 22.69 -23.94
C ILE A 230 25.52 24.10 -24.36
N GLY A 231 26.49 24.88 -24.80
CA GLY A 231 26.29 26.28 -25.18
C GLY A 231 25.76 27.15 -24.05
N GLY A 232 26.23 26.87 -22.82
CA GLY A 232 25.80 27.61 -21.63
C GLY A 232 24.46 27.14 -21.06
N GLU A 233 23.87 26.12 -21.69
CA GLU A 233 22.54 25.64 -21.34
C GLU A 233 22.57 24.25 -20.70
N VAL A 234 21.89 24.13 -19.56
CA VAL A 234 21.87 22.88 -18.81
C VAL A 234 20.95 21.86 -19.46
N TYR A 235 21.51 20.68 -19.74
CA TYR A 235 20.75 19.56 -20.32
C TYR A 235 21.04 18.28 -19.55
N PRO A 236 20.17 17.25 -19.69
CA PRO A 236 20.45 15.94 -19.11
C PRO A 236 21.78 15.36 -19.59
N PRO A 237 22.40 14.48 -18.78
CA PRO A 237 23.69 13.91 -19.15
C PRO A 237 23.50 12.83 -20.22
N THR A 238 24.59 12.35 -20.80
CA THR A 238 24.48 11.37 -21.88
C THR A 238 24.33 9.96 -21.34
N VAL A 239 23.92 9.04 -22.21
CA VAL A 239 23.92 7.61 -21.91
C VAL A 239 25.34 7.14 -21.56
N LYS A 240 26.31 7.63 -22.33
CA LYS A 240 27.72 7.27 -22.13
C LYS A 240 28.28 7.60 -20.75
N ASP A 241 28.00 8.80 -20.24
CA ASP A 241 28.54 9.28 -18.95
CA ASP A 241 28.58 9.21 -18.96
C ASP A 241 27.86 8.62 -17.74
N THR A 242 26.60 8.23 -17.92
CA THR A 242 25.82 7.66 -16.82
C THR A 242 25.76 6.14 -16.80
N GLN A 243 25.93 5.53 -17.97
CA GLN A 243 25.65 4.09 -18.18
C GLN A 243 24.18 3.77 -17.90
N VAL A 244 23.31 4.75 -18.13
CA VAL A 244 21.87 4.58 -18.00
C VAL A 244 21.29 4.17 -19.36
N GLU A 245 20.56 3.05 -19.36
CA GLU A 245 19.93 2.55 -20.58
C GLU A 245 18.76 3.44 -21.03
N MET A 246 18.80 3.83 -22.31
CA MET A 246 17.71 4.57 -22.95
C MET A 246 17.32 3.89 -24.25
N ILE A 247 16.11 4.15 -24.72
CA ILE A 247 15.70 3.67 -26.04
C ILE A 247 16.14 4.71 -27.07
N TYR A 248 17.12 4.32 -27.90
CA TYR A 248 17.56 5.15 -29.02
C TYR A 248 17.94 4.27 -30.21
N PRO A 249 17.54 4.68 -31.43
CA PRO A 249 18.06 4.03 -32.62
C PRO A 249 19.55 4.34 -32.78
N PRO A 250 20.32 3.38 -33.34
CA PRO A 250 21.78 3.43 -33.30
C PRO A 250 22.42 4.59 -34.08
N HIS A 251 21.67 5.20 -35.00
CA HIS A 251 22.23 6.25 -35.85
C HIS A 251 22.40 7.60 -35.15
N ILE A 252 21.82 7.73 -33.95
CA ILE A 252 21.83 8.99 -33.20
C ILE A 252 23.15 9.18 -32.45
N PRO A 253 23.81 10.35 -32.67
CA PRO A 253 25.10 10.65 -32.05
C PRO A 253 25.09 10.61 -30.52
N GLU A 254 26.18 10.11 -29.95
CA GLU A 254 26.38 9.98 -28.50
C GLU A 254 25.96 11.23 -27.72
N ASN A 255 26.21 12.38 -28.34
CA ASN A 255 25.95 13.70 -27.77
C ASN A 255 24.48 13.93 -27.41
N LEU A 256 23.59 13.44 -28.26
CA LEU A 256 22.18 13.71 -28.14
C LEU A 256 21.41 12.54 -27.52
N GLN A 257 22.16 11.55 -27.04
CA GLN A 257 21.57 10.42 -26.33
C GLN A 257 21.45 10.78 -24.86
N PHE A 258 20.44 11.58 -24.55
CA PHE A 258 20.18 12.08 -23.20
C PHE A 258 19.64 10.99 -22.29
N ALA A 259 20.16 10.92 -21.08
CA ALA A 259 19.72 9.96 -20.09
C ALA A 259 18.85 10.62 -19.02
N VAL A 260 17.61 10.16 -18.92
CA VAL A 260 16.67 10.66 -17.92
C VAL A 260 15.96 9.49 -17.23
N GLY A 261 15.11 9.80 -16.26
CA GLY A 261 14.38 8.78 -15.50
C GLY A 261 13.67 7.73 -16.35
N GLN A 262 12.93 8.18 -17.35
CA GLN A 262 12.14 7.29 -18.21
C GLN A 262 12.87 6.94 -19.52
N GLU A 263 12.97 5.64 -19.79
CA GLU A 263 13.72 5.08 -20.93
C GLU A 263 13.24 5.55 -22.30
N VAL A 264 11.97 5.96 -22.38
CA VAL A 264 11.32 6.26 -23.66
C VAL A 264 11.32 7.76 -24.01
N PHE A 265 11.79 8.60 -23.10
CA PHE A 265 11.65 10.05 -23.25
C PHE A 265 12.54 10.68 -24.33
N GLY A 266 13.50 9.91 -24.84
CA GLY A 266 14.30 10.35 -25.98
C GLY A 266 13.54 10.22 -27.29
N LEU A 267 12.39 9.56 -27.26
CA LEU A 267 11.55 9.35 -28.43
C LEU A 267 11.04 10.67 -29.01
N VAL A 268 10.69 11.60 -28.12
CA VAL A 268 10.06 12.87 -28.53
C VAL A 268 10.75 14.07 -27.88
N PRO A 269 11.15 15.07 -28.71
CA PRO A 269 11.77 16.29 -28.19
C PRO A 269 10.89 17.03 -27.18
N GLY A 270 9.57 16.96 -27.37
CA GLY A 270 8.60 17.53 -26.43
C GLY A 270 8.70 16.94 -25.03
N LEU A 271 8.95 15.63 -24.95
CA LEU A 271 9.15 14.95 -23.68
C LEU A 271 10.49 15.33 -23.06
N MET A 272 11.50 15.47 -23.91
CA MET A 272 12.84 15.84 -23.48
C MET A 272 12.87 17.29 -22.96
N MET A 273 11.95 18.12 -23.47
CA MET A 273 11.79 19.50 -23.01
C MET A 273 11.40 19.53 -21.53
N TYR A 274 10.35 18.78 -21.17
CA TYR A 274 9.91 18.66 -19.78
C TYR A 274 10.92 17.88 -18.92
N ALA A 275 11.64 16.95 -19.54
CA ALA A 275 12.69 16.23 -18.84
C ALA A 275 13.79 17.18 -18.41
N THR A 276 14.13 18.13 -19.29
CA THR A 276 15.16 19.13 -18.99
C THR A 276 14.63 20.12 -17.95
N ILE A 277 13.39 20.56 -18.12
CA ILE A 277 12.77 21.52 -17.20
C ILE A 277 12.75 20.98 -15.76
N TRP A 278 12.27 19.74 -15.60
CA TRP A 278 12.19 19.13 -14.29
C TRP A 278 13.57 18.80 -13.71
N LEU A 279 14.53 18.47 -14.57
CA LEU A 279 15.91 18.27 -14.13
C LEU A 279 16.46 19.57 -13.56
N ARG A 280 16.28 20.67 -14.30
CA ARG A 280 16.67 22.00 -13.86
C ARG A 280 15.97 22.37 -12.55
N GLU A 281 14.67 22.05 -12.46
CA GLU A 281 13.86 22.36 -11.27
C GLU A 281 14.37 21.65 -10.02
N HIS A 282 14.69 20.36 -10.14
CA HIS A 282 15.26 19.61 -9.02
C HIS A 282 16.59 20.20 -8.53
N ASN A 283 17.44 20.62 -9.46
CA ASN A 283 18.71 21.21 -9.07
C ASN A 283 18.55 22.62 -8.51
N ARG A 284 17.54 23.34 -8.98
CA ARG A 284 17.17 24.64 -8.43
C ARG A 284 16.68 24.48 -6.98
N VAL A 285 15.89 23.43 -6.73
CA VAL A 285 15.40 23.16 -5.38
C VAL A 285 16.53 22.73 -4.43
N CYS A 286 17.48 21.95 -4.95
CA CYS A 286 18.69 21.61 -4.21
C CYS A 286 19.47 22.84 -3.74
N ASP A 287 19.61 23.84 -4.63
CA ASP A 287 20.29 25.09 -4.28
C ASP A 287 19.58 25.85 -3.15
N ILE A 288 18.25 25.87 -3.22
CA ILE A 288 17.42 26.55 -2.22
C ILE A 288 17.58 25.86 -0.86
N LEU A 289 17.48 24.54 -0.85
CA LEU A 289 17.60 23.76 0.37
C LEU A 289 19.00 23.77 0.96
N LYS A 290 20.02 23.83 0.10
CA LYS A 290 21.41 23.91 0.53
C LYS A 290 21.70 25.23 1.26
N GLN A 291 20.98 26.29 0.87
CA GLN A 291 21.10 27.58 1.52
C GLN A 291 20.35 27.62 2.86
N GLU A 292 19.19 26.98 2.91
CA GLU A 292 18.41 26.86 4.15
C GLU A 292 19.07 25.92 5.14
N HIS A 293 19.68 24.86 4.62
CA HIS A 293 20.31 23.85 5.43
C HIS A 293 21.74 23.58 4.97
N PRO A 294 22.68 24.49 5.27
CA PRO A 294 24.09 24.23 4.93
C PRO A 294 24.64 23.01 5.66
N GLU A 295 23.92 22.53 6.67
CA GLU A 295 24.32 21.39 7.49
C GLU A 295 23.86 20.04 6.92
N TRP A 296 22.95 20.07 5.95
CA TRP A 296 22.42 18.85 5.34
C TRP A 296 23.42 18.25 4.36
N GLY A 297 23.45 16.93 4.30
CA GLY A 297 24.26 16.22 3.31
C GLY A 297 23.52 16.00 2.00
N ASP A 298 24.25 15.44 1.03
CA ASP A 298 23.74 15.15 -0.32
C ASP A 298 22.45 14.30 -0.30
N GLU A 299 22.42 13.25 0.52
CA GLU A 299 21.29 12.32 0.52
C GLU A 299 19.97 12.98 0.90
N GLN A 300 19.99 13.78 1.97
CA GLN A 300 18.78 14.47 2.42
C GLN A 300 18.37 15.55 1.42
N LEU A 301 19.35 16.28 0.89
CA LEU A 301 19.07 17.29 -0.13
C LEU A 301 18.35 16.70 -1.33
N PHE A 302 18.81 15.53 -1.76
CA PHE A 302 18.18 14.83 -2.87
C PHE A 302 16.77 14.38 -2.51
N GLN A 303 16.66 13.61 -1.42
CA GLN A 303 15.38 13.05 -0.97
C GLN A 303 14.32 14.12 -0.76
N THR A 304 14.71 15.18 -0.07
CA THR A 304 13.82 16.28 0.25
C THR A 304 13.36 17.00 -1.02
N SER A 305 14.29 17.22 -1.94
CA SER A 305 13.96 17.84 -3.22
C SER A 305 12.94 17.01 -4.01
N ARG A 306 13.09 15.69 -3.99
CA ARG A 306 12.16 14.78 -4.65
C ARG A 306 10.73 15.00 -4.15
N LEU A 307 10.56 15.01 -2.83
CA LEU A 307 9.23 15.17 -2.23
C LEU A 307 8.63 16.52 -2.61
N ILE A 308 9.46 17.56 -2.65
CA ILE A 308 9.03 18.90 -3.04
C ILE A 308 8.52 18.89 -4.50
N LEU A 309 9.25 18.21 -5.37
CA LEU A 309 8.85 18.10 -6.76
C LEU A 309 7.57 17.28 -6.94
N ILE A 310 7.42 16.22 -6.15
CA ILE A 310 6.17 15.45 -6.11
C ILE A 310 5.03 16.39 -5.76
N GLY A 311 5.24 17.23 -4.73
CA GLY A 311 4.30 18.28 -4.36
C GLY A 311 3.98 19.27 -5.47
N GLU A 312 5.02 19.77 -6.14
CA GLU A 312 4.85 20.69 -7.27
C GLU A 312 4.01 20.05 -8.36
N THR A 313 4.27 18.77 -8.63
CA THR A 313 3.58 18.05 -9.70
C THR A 313 2.10 17.93 -9.42
N ILE A 314 1.74 17.46 -8.22
CA ILE A 314 0.34 17.32 -7.82
C ILE A 314 -0.39 18.67 -7.79
N LYS A 315 0.33 19.72 -7.40
CA LYS A 315 -0.22 21.07 -7.36
C LYS A 315 -0.53 21.59 -8.75
N ILE A 316 0.44 21.43 -9.66
CA ILE A 316 0.33 21.89 -11.04
C ILE A 316 -0.72 21.07 -11.77
N VAL A 317 -0.72 19.76 -11.54
CA VAL A 317 -1.66 18.86 -12.19
C VAL A 317 -3.11 19.19 -11.82
N ILE A 318 -3.37 19.50 -10.55
CA ILE A 318 -4.74 19.85 -10.15
C ILE A 318 -5.13 21.26 -10.60
N GLU A 319 -4.34 22.25 -10.18
CA GLU A 319 -4.74 23.65 -10.29
C GLU A 319 -4.50 24.28 -11.65
N ASP A 320 -3.61 23.67 -12.44
CA ASP A 320 -3.37 24.10 -13.83
C ASP A 320 -3.90 23.10 -14.85
N TYR A 321 -3.45 21.84 -14.75
CA TYR A 321 -3.72 20.82 -15.77
C TYR A 321 -5.17 20.31 -15.77
N VAL A 322 -5.61 19.78 -14.64
CA VAL A 322 -7.01 19.33 -14.50
C VAL A 322 -7.98 20.51 -14.62
N GLN A 323 -7.60 21.65 -14.05
CA GLN A 323 -8.39 22.88 -14.14
C GLN A 323 -8.71 23.24 -15.59
N HIS A 324 -7.69 23.22 -16.43
CA HIS A 324 -7.83 23.49 -17.86
C HIS A 324 -8.73 22.47 -18.55
N LEU A 325 -8.49 21.19 -18.28
CA LEU A 325 -9.31 20.10 -18.84
C LEU A 325 -10.77 20.23 -18.47
N SER A 326 -11.03 20.61 -17.21
CA SER A 326 -12.38 20.65 -16.66
C SER A 326 -13.26 21.65 -17.41
N GLY A 327 -12.68 22.78 -17.77
CA GLY A 327 -13.44 23.88 -18.37
C GLY A 327 -14.29 24.62 -17.36
N TYR A 328 -14.07 24.33 -16.08
CA TYR A 328 -14.86 24.92 -15.00
C TYR A 328 -14.47 26.37 -14.75
N HIS A 329 -15.44 27.16 -14.29
CA HIS A 329 -15.17 28.50 -13.79
C HIS A 329 -14.70 28.41 -12.35
N PHE A 330 -15.18 27.38 -11.65
CA PHE A 330 -14.75 27.06 -10.30
C PHE A 330 -13.26 26.72 -10.27
N LYS A 331 -12.53 27.34 -9.34
CA LYS A 331 -11.10 27.10 -9.20
C LYS A 331 -10.82 25.89 -8.31
N LEU A 332 -10.36 24.81 -8.95
CA LEU A 332 -9.95 23.60 -8.25
C LEU A 332 -8.74 23.90 -7.37
N LYS A 333 -8.72 23.29 -6.19
CA LYS A 333 -7.69 23.55 -5.19
C LYS A 333 -6.95 22.27 -4.80
N PHE A 334 -5.62 22.36 -4.73
CA PHE A 334 -4.82 21.30 -4.15
C PHE A 334 -4.60 21.60 -2.67
N ASP A 335 -5.35 20.91 -1.82
CA ASP A 335 -5.25 21.07 -0.38
C ASP A 335 -5.56 19.74 0.30
N PRO A 336 -4.51 19.01 0.70
CA PRO A 336 -4.66 17.73 1.40
C PRO A 336 -5.53 17.82 2.65
N GLU A 337 -5.54 18.97 3.32
CA GLU A 337 -6.30 19.17 4.56
C GLU A 337 -7.79 18.96 4.40
N LEU A 338 -8.28 19.03 3.16
CA LEU A 338 -9.70 18.85 2.87
C LEU A 338 -10.20 17.44 3.15
N LEU A 339 -9.29 16.48 3.16
CA LEU A 339 -9.63 15.07 3.35
C LEU A 339 -9.35 14.57 4.77
N PHE A 340 -8.69 15.40 5.58
CA PHE A 340 -8.28 14.99 6.94
C PHE A 340 -9.43 14.55 7.84
N ASN A 341 -10.60 15.12 7.62
CA ASN A 341 -11.81 14.73 8.36
C ASN A 341 -12.70 13.79 7.53
N GLN A 342 -12.18 13.31 6.40
CA GLN A 342 -12.92 12.42 5.51
C GLN A 342 -12.35 11.00 5.50
N GLN A 343 -13.18 10.03 5.11
CA GLN A 343 -12.73 8.65 4.92
C GLN A 343 -12.07 8.51 3.56
N PHE A 344 -10.77 8.24 3.57
CA PHE A 344 -9.96 8.26 2.35
C PHE A 344 -8.73 7.37 2.51
N GLN A 345 -8.49 6.51 1.50
CA GLN A 345 -7.36 5.59 1.54
C GLN A 345 -6.17 6.19 0.80
N TYR A 346 -5.09 6.44 1.53
CA TYR A 346 -3.87 7.00 0.94
C TYR A 346 -3.03 5.91 0.26
N GLN A 347 -3.61 5.33 -0.78
CA GLN A 347 -2.96 4.31 -1.59
C GLN A 347 -3.61 4.33 -2.95
N ASN A 348 -2.88 3.92 -3.96
CA ASN A 348 -3.42 3.85 -5.31
C ASN A 348 -2.88 2.64 -6.04
N ARG A 349 -3.63 2.19 -7.04
CA ARG A 349 -3.21 1.14 -7.95
C ARG A 349 -3.72 1.52 -9.33
N ILE A 350 -2.82 1.58 -10.30
CA ILE A 350 -3.14 2.02 -11.65
C ILE A 350 -4.05 1.04 -12.39
N ALA A 351 -5.24 1.51 -12.74
CA ALA A 351 -6.19 0.69 -13.50
C ALA A 351 -5.78 0.61 -14.97
N SER A 352 -5.94 -0.59 -15.53
CA SER A 352 -5.71 -0.81 -16.95
C SER A 352 -6.59 0.12 -17.78
N GLU A 353 -7.82 0.31 -17.34
CA GLU A 353 -8.79 1.17 -18.03
C GLU A 353 -8.42 2.65 -17.99
N PHE A 354 -7.74 3.06 -16.92
CA PHE A 354 -7.25 4.44 -16.81
C PHE A 354 -6.21 4.66 -17.90
N ASN A 355 -5.35 3.66 -18.06
CA ASN A 355 -4.35 3.64 -19.11
C ASN A 355 -4.97 3.74 -20.51
N THR A 356 -6.00 2.93 -20.77
CA THR A 356 -6.67 2.89 -22.06
C THR A 356 -7.36 4.21 -22.40
N LEU A 357 -8.12 4.76 -21.45
CA LEU A 357 -8.81 6.04 -21.69
C LEU A 357 -7.83 7.20 -21.93
N TYR A 358 -6.59 7.04 -21.49
CA TYR A 358 -5.60 8.10 -21.62
C TYR A 358 -4.83 8.07 -22.94
N HIS A 359 -5.25 7.21 -23.86
CA HIS A 359 -4.66 7.18 -25.20
C HIS A 359 -5.19 8.33 -26.07
N TRP A 360 -4.76 9.54 -25.71
CA TRP A 360 -5.26 10.75 -26.34
C TRP A 360 -4.45 11.10 -27.58
N HIS A 361 -4.38 10.15 -28.52
CA HIS A 361 -3.61 10.39 -29.71
CA HIS A 361 -3.66 10.31 -29.79
C HIS A 361 -4.16 11.51 -30.60
N PRO A 362 -5.49 11.78 -30.57
CA PRO A 362 -5.96 12.91 -31.39
C PRO A 362 -5.32 14.26 -31.07
N LEU A 363 -4.83 14.43 -29.84
CA LEU A 363 -4.16 15.66 -29.42
C LEU A 363 -3.03 16.06 -30.36
N LEU A 364 -2.34 15.06 -30.91
CA LEU A 364 -1.18 15.30 -31.78
C LEU A 364 -1.54 16.02 -33.08
N PRO A 365 -0.78 17.07 -33.41
CA PRO A 365 -1.03 17.82 -34.65
C PRO A 365 -0.41 17.11 -35.85
N ASP A 366 -0.69 17.59 -37.05
CA ASP A 366 -0.10 17.03 -38.26
C ASP A 366 1.40 17.34 -38.35
N THR A 367 1.78 18.55 -37.97
CA THR A 367 3.19 18.94 -37.91
C THR A 367 3.49 19.61 -36.57
N PHE A 368 4.76 19.62 -36.19
CA PHE A 368 5.20 20.28 -34.96
C PHE A 368 5.89 21.59 -35.28
N ASN A 369 5.21 22.69 -34.97
CA ASN A 369 5.62 24.03 -35.38
C ASN A 369 6.50 24.73 -34.34
N ILE A 370 7.78 24.84 -34.64
CA ILE A 370 8.74 25.51 -33.75
C ILE A 370 9.43 26.64 -34.51
N GLU A 371 9.29 27.85 -33.96
CA GLU A 371 9.80 29.07 -34.60
C GLU A 371 9.18 29.22 -35.99
N ASP A 372 10.01 29.26 -37.04
CA ASP A 372 9.52 29.34 -38.43
C ASP A 372 9.41 27.96 -39.08
N GLN A 373 9.91 26.94 -38.39
CA GLN A 373 9.97 25.59 -38.94
C GLN A 373 8.68 24.79 -38.67
N GLU A 374 8.39 23.85 -39.57
CA GLU A 374 7.28 22.92 -39.40
C GLU A 374 7.81 21.50 -39.61
N TYR A 375 7.97 20.76 -38.52
CA TYR A 375 8.53 19.40 -38.57
C TYR A 375 7.45 18.32 -38.67
N SER A 376 7.65 17.38 -39.59
CA SER A 376 6.78 16.21 -39.70
C SER A 376 7.14 15.19 -38.63
N PHE A 377 6.27 14.20 -38.42
CA PHE A 377 6.50 13.14 -37.44
C PHE A 377 7.85 12.43 -37.61
N LYS A 378 8.18 12.07 -38.85
CA LYS A 378 9.46 11.45 -39.17
C LYS A 378 10.64 12.33 -38.73
N GLN A 379 10.58 13.61 -39.11
CA GLN A 379 11.59 14.60 -38.73
C GLN A 379 11.69 14.82 -37.22
N PHE A 380 10.56 14.67 -36.54
CA PHE A 380 10.45 15.04 -35.14
C PHE A 380 10.90 13.94 -34.16
N LEU A 381 10.58 12.69 -34.48
CA LEU A 381 10.90 11.57 -33.58
C LEU A 381 12.40 11.35 -33.40
N TYR A 382 12.79 11.15 -32.14
CA TYR A 382 14.17 10.86 -31.73
C TYR A 382 15.17 11.99 -32.03
N ASN A 383 14.66 13.11 -32.53
CA ASN A 383 15.52 14.22 -32.93
C ASN A 383 15.69 15.25 -31.82
N ASN A 384 16.70 15.04 -30.97
CA ASN A 384 17.01 15.96 -29.89
C ASN A 384 17.79 17.20 -30.34
N SER A 385 18.29 17.18 -31.57
CA SER A 385 19.03 18.33 -32.10
C SER A 385 18.10 19.50 -32.39
N ILE A 386 16.82 19.21 -32.56
CA ILE A 386 15.79 20.23 -32.72
C ILE A 386 15.67 21.05 -31.44
N LEU A 387 15.71 20.39 -30.29
CA LEU A 387 15.67 21.03 -28.98
C LEU A 387 16.92 21.89 -28.74
N LEU A 388 18.07 21.36 -29.14
CA LEU A 388 19.34 22.08 -28.99
C LEU A 388 19.42 23.27 -29.92
N GLU A 389 18.99 23.09 -31.17
CA GLU A 389 19.08 24.14 -32.17
C GLU A 389 18.19 25.34 -31.82
N HIS A 390 16.96 25.04 -31.42
CA HIS A 390 15.97 26.08 -31.13
C HIS A 390 16.07 26.60 -29.70
N GLY A 391 16.37 25.72 -28.75
CA GLY A 391 16.41 26.08 -27.34
C GLY A 391 15.07 25.93 -26.65
N LEU A 392 15.10 25.75 -25.33
CA LEU A 392 13.90 25.58 -24.53
C LEU A 392 12.96 26.79 -24.58
N THR A 393 13.53 27.99 -24.60
CA THR A 393 12.74 29.23 -24.66
C THR A 393 11.82 29.23 -25.88
N GLN A 394 12.41 28.98 -27.06
CA GLN A 394 11.65 28.90 -28.31
C GLN A 394 10.63 27.77 -28.28
N PHE A 395 11.04 26.60 -27.77
CA PHE A 395 10.16 25.45 -27.60
C PHE A 395 8.92 25.81 -26.78
N VAL A 396 9.11 26.52 -25.67
CA VAL A 396 8.00 26.94 -24.83
C VAL A 396 7.10 27.96 -25.55
N GLU A 397 7.71 28.97 -26.16
CA GLU A 397 6.97 30.00 -26.91
C GLU A 397 6.15 29.40 -28.04
N SER A 398 6.72 28.43 -28.76
CA SER A 398 6.07 27.81 -29.92
C SER A 398 4.94 26.88 -29.53
N PHE A 399 5.19 26.01 -28.55
CA PHE A 399 4.22 25.01 -28.14
C PHE A 399 3.06 25.60 -27.32
N THR A 400 3.28 26.79 -26.75
CA THR A 400 2.21 27.52 -26.08
C THR A 400 1.24 28.07 -27.13
N ARG A 401 1.77 28.37 -28.32
CA ARG A 401 0.99 28.94 -29.42
C ARG A 401 0.31 27.90 -30.32
N GLN A 402 0.87 26.70 -30.41
CA GLN A 402 0.30 25.67 -31.31
C GLN A 402 -0.85 24.90 -30.65
N ILE A 403 -2.02 24.97 -31.29
CA ILE A 403 -3.22 24.30 -30.77
C ILE A 403 -3.13 22.78 -30.96
N ALA A 404 -3.72 22.05 -30.02
CA ALA A 404 -3.76 20.59 -30.05
C ALA A 404 -5.10 20.14 -30.61
N GLY A 405 -5.21 18.85 -30.92
CA GLY A 405 -6.40 18.30 -31.55
C GLY A 405 -7.48 17.85 -30.59
N ARG A 406 -8.73 17.89 -31.05
CA ARG A 406 -9.88 17.44 -30.27
C ARG A 406 -9.85 15.93 -30.10
N VAL A 407 -10.04 15.47 -28.87
CA VAL A 407 -9.95 14.05 -28.55
C VAL A 407 -11.25 13.28 -28.88
N ALA A 408 -12.38 13.83 -28.44
CA ALA A 408 -13.68 13.24 -28.72
C ALA A 408 -14.20 13.73 -30.08
N GLY A 409 -15.42 13.31 -30.44
CA GLY A 409 -16.04 13.79 -31.68
C GLY A 409 -15.76 12.95 -32.91
N GLY A 410 -14.84 12.00 -32.80
CA GLY A 410 -14.51 11.10 -33.90
C GLY A 410 -13.51 11.62 -34.91
N ARG A 411 -12.85 10.70 -35.59
CA ARG A 411 -12.03 10.97 -36.78
C ARG A 411 -10.97 12.06 -36.59
N ASN A 412 -10.04 11.83 -35.67
CA ASN A 412 -8.97 12.79 -35.41
C ASN A 412 -7.65 12.16 -34.96
N VAL A 413 -7.52 10.84 -35.14
CA VAL A 413 -6.26 10.15 -34.86
C VAL A 413 -5.33 10.32 -36.05
N PRO A 414 -4.15 10.94 -35.84
CA PRO A 414 -3.18 11.15 -36.93
C PRO A 414 -2.71 9.83 -37.51
N ILE A 415 -2.48 9.78 -38.81
CA ILE A 415 -2.12 8.54 -39.49
C ILE A 415 -0.75 7.99 -39.05
N ALA A 416 0.12 8.89 -38.60
CA ALA A 416 1.45 8.49 -38.12
C ALA A 416 1.36 7.57 -36.91
N VAL A 417 0.25 7.65 -36.19
CA VAL A 417 0.04 6.85 -34.99
C VAL A 417 -1.14 5.87 -35.13
N GLN A 418 -1.46 5.49 -36.36
CA GLN A 418 -2.56 4.55 -36.62
C GLN A 418 -2.32 3.18 -35.98
N ALA A 419 -1.06 2.72 -36.03
CA ALA A 419 -0.67 1.41 -35.51
C ALA A 419 -0.80 1.35 -33.99
N VAL A 420 -0.61 2.49 -33.33
CA VAL A 420 -0.74 2.60 -31.89
C VAL A 420 -2.22 2.58 -31.50
N ALA A 421 -3.03 3.31 -32.26
CA ALA A 421 -4.47 3.36 -32.04
C ALA A 421 -5.12 2.01 -32.32
N LYS A 422 -4.68 1.32 -33.37
CA LYS A 422 -5.11 -0.05 -33.63
C LYS A 422 -4.74 -0.96 -32.47
N ALA A 423 -3.51 -0.81 -31.98
CA ALA A 423 -3.00 -1.58 -30.84
C ALA A 423 -3.87 -1.39 -29.59
N SER A 424 -4.33 -0.16 -29.37
CA SER A 424 -5.21 0.14 -28.25
C SER A 424 -6.52 -0.64 -28.32
N ILE A 425 -7.02 -0.89 -29.52
CA ILE A 425 -8.22 -1.71 -29.71
C ILE A 425 -7.91 -3.19 -29.51
N ASP A 426 -6.83 -3.66 -30.12
CA ASP A 426 -6.42 -5.07 -30.04
C ASP A 426 -6.12 -5.51 -28.62
N GLN A 427 -5.34 -4.71 -27.90
CA GLN A 427 -4.93 -5.05 -26.54
C GLN A 427 -6.10 -5.02 -25.55
N SER A 428 -7.05 -4.11 -25.78
CA SER A 428 -8.34 -4.12 -25.08
C SER A 428 -9.02 -5.49 -25.19
N ARG A 429 -9.02 -6.04 -26.39
CA ARG A 429 -9.64 -7.34 -26.66
C ARG A 429 -8.84 -8.48 -26.06
N GLU A 430 -7.51 -8.40 -26.16
CA GLU A 430 -6.60 -9.36 -25.53
C GLU A 430 -6.83 -9.40 -24.02
N MET A 431 -7.03 -8.22 -23.43
CA MET A 431 -7.28 -8.10 -21.99
C MET A 431 -8.74 -8.35 -21.61
N LYS A 432 -9.54 -8.76 -22.61
CA LYS A 432 -10.94 -9.13 -22.42
C LYS A 432 -11.78 -8.04 -21.74
N TYR A 433 -11.64 -6.79 -22.20
CA TYR A 433 -12.43 -5.68 -21.67
C TYR A 433 -13.92 -5.89 -21.86
N GLN A 434 -14.69 -5.56 -20.83
CA GLN A 434 -16.15 -5.50 -20.96
C GLN A 434 -16.55 -4.30 -21.82
N SER A 435 -17.81 -4.27 -22.24
CA SER A 435 -18.31 -3.25 -23.16
C SER A 435 -18.30 -1.83 -22.57
N LEU A 436 -18.38 -0.83 -23.45
CA LEU A 436 -18.58 0.57 -23.06
C LEU A 436 -19.74 0.72 -22.08
N ASN A 437 -20.88 0.11 -22.41
CA ASN A 437 -22.09 0.26 -21.60
C ASN A 437 -21.93 -0.31 -20.20
N GLU A 438 -21.15 -1.39 -20.09
CA GLU A 438 -20.84 -1.97 -18.78
C GLU A 438 -19.97 -1.00 -17.97
N TYR A 439 -19.00 -0.37 -18.62
CA TYR A 439 -18.17 0.64 -17.95
C TYR A 439 -18.96 1.87 -17.54
N ARG A 440 -19.97 2.23 -18.33
CA ARG A 440 -20.84 3.36 -18.00
C ARG A 440 -21.66 3.08 -16.75
N LYS A 441 -22.27 1.88 -16.70
CA LYS A 441 -23.05 1.46 -15.53
C LYS A 441 -22.18 1.42 -14.27
N ARG A 442 -20.98 0.86 -14.41
CA ARG A 442 -19.98 0.80 -13.35
C ARG A 442 -19.62 2.18 -12.77
N PHE A 443 -19.68 3.22 -13.60
CA PHE A 443 -19.40 4.57 -13.14
C PHE A 443 -20.64 5.47 -13.04
N SER A 444 -21.78 4.85 -12.72
CA SER A 444 -23.05 5.53 -12.45
C SER A 444 -23.56 6.39 -13.61
N LEU A 445 -23.45 5.85 -14.83
CA LEU A 445 -23.98 6.52 -16.00
C LEU A 445 -25.08 5.67 -16.63
N LYS A 446 -26.08 6.33 -17.20
CA LYS A 446 -27.13 5.62 -17.93
C LYS A 446 -26.52 5.10 -19.22
N PRO A 447 -26.69 3.79 -19.49
CA PRO A 447 -26.14 3.18 -20.72
C PRO A 447 -26.77 3.72 -22.00
N TYR A 448 -25.94 3.92 -23.01
CA TYR A 448 -26.38 4.40 -24.32
C TYR A 448 -27.36 3.41 -24.99
N THR A 449 -28.48 3.94 -25.46
CA THR A 449 -29.54 3.11 -26.06
C THR A 449 -29.47 3.04 -27.60
N SER A 450 -28.53 3.79 -28.18
CA SER A 450 -28.26 3.75 -29.62
C SER A 450 -26.88 4.34 -29.95
N PHE A 451 -26.39 4.04 -31.15
CA PHE A 451 -25.14 4.60 -31.64
C PHE A 451 -25.28 6.09 -31.94
N GLU A 452 -26.47 6.51 -32.32
CA GLU A 452 -26.77 7.94 -32.51
C GLU A 452 -26.64 8.69 -31.19
N GLU A 453 -27.18 8.10 -30.12
CA GLU A 453 -27.09 8.71 -28.79
C GLU A 453 -25.63 8.90 -28.35
N LEU A 454 -24.80 7.89 -28.56
CA LEU A 454 -23.37 7.96 -28.23
C LEU A 454 -22.64 9.06 -29.00
N THR A 455 -22.81 9.04 -30.31
CA THR A 455 -22.02 9.88 -31.20
C THR A 455 -22.61 11.30 -31.39
N GLY A 456 -23.91 11.44 -31.13
CA GLY A 456 -24.62 12.73 -31.28
C GLY A 456 -24.71 13.19 -32.73
N GLU A 457 -24.53 12.23 -33.64
CA GLU A 457 -24.31 12.48 -35.06
C GLU A 457 -24.90 11.29 -35.83
N LYS A 458 -24.78 11.27 -37.15
CA LYS A 458 -25.48 10.28 -37.96
C LYS A 458 -24.59 9.34 -38.80
N GLU A 459 -23.53 9.88 -39.39
CA GLU A 459 -22.68 9.10 -40.31
C GLU A 459 -21.81 8.04 -39.61
N MET A 460 -21.08 8.45 -38.58
CA MET A 460 -20.23 7.54 -37.80
C MET A 460 -21.07 6.50 -37.07
N ALA A 461 -22.25 6.92 -36.60
CA ALA A 461 -23.20 6.03 -35.94
C ALA A 461 -23.61 4.88 -36.85
N ALA A 462 -23.97 5.22 -38.09
CA ALA A 462 -24.38 4.25 -39.09
C ALA A 462 -23.28 3.23 -39.39
N GLU A 463 -22.04 3.71 -39.54
CA GLU A 463 -20.89 2.84 -39.76
C GLU A 463 -20.71 1.90 -38.58
N LEU A 464 -20.69 2.45 -37.37
CA LEU A 464 -20.56 1.68 -36.14
C LEU A 464 -21.68 0.66 -35.93
N LYS A 465 -22.89 1.03 -36.37
CA LYS A 465 -24.07 0.15 -36.33
C LYS A 465 -23.86 -1.10 -37.18
N ALA A 466 -23.29 -0.91 -38.36
CA ALA A 466 -23.05 -2.01 -39.29
C ALA A 466 -21.89 -2.90 -38.84
N LEU A 467 -20.99 -2.33 -38.04
CA LEU A 467 -19.81 -3.04 -37.55
C LEU A 467 -20.08 -3.88 -36.31
N TYR A 468 -20.84 -3.32 -35.36
CA TYR A 468 -21.08 -3.93 -34.05
C TYR A 468 -22.49 -4.55 -33.88
N SER A 469 -23.44 -4.05 -34.66
CA SER A 469 -24.86 -4.50 -34.64
C SER A 469 -25.66 -4.11 -33.40
N ASP A 470 -25.01 -4.08 -32.25
CA ASP A 470 -25.68 -3.80 -30.98
C ASP A 470 -24.85 -2.80 -30.17
N ILE A 471 -25.52 -1.76 -29.67
CA ILE A 471 -24.87 -0.73 -28.83
C ILE A 471 -24.24 -1.31 -27.57
N ASP A 472 -24.86 -2.35 -27.01
CA ASP A 472 -24.39 -3.02 -25.81
C ASP A 472 -23.08 -3.81 -25.98
N VAL A 473 -22.56 -3.86 -27.21
CA VAL A 473 -21.26 -4.50 -27.46
C VAL A 473 -20.21 -3.55 -28.05
N MET A 474 -20.55 -2.26 -28.08
CA MET A 474 -19.60 -1.22 -28.44
C MET A 474 -18.46 -1.22 -27.44
N GLU A 475 -17.22 -1.14 -27.94
CA GLU A 475 -16.03 -1.21 -27.10
C GLU A 475 -15.74 0.15 -26.46
N LEU A 476 -15.09 0.11 -25.29
CA LEU A 476 -14.77 1.33 -24.55
C LEU A 476 -13.90 2.33 -25.31
N TYR A 477 -12.74 1.89 -25.81
CA TYR A 477 -11.78 2.82 -26.41
C TYR A 477 -12.26 3.60 -27.65
N PRO A 478 -12.79 2.90 -28.67
CA PRO A 478 -13.26 3.64 -29.84
C PRO A 478 -14.44 4.55 -29.50
N ALA A 479 -15.22 4.18 -28.49
CA ALA A 479 -16.37 4.98 -28.06
C ALA A 479 -15.95 6.30 -27.42
N LEU A 480 -14.81 6.30 -26.75
CA LEU A 480 -14.28 7.50 -26.10
C LEU A 480 -13.80 8.52 -27.12
N LEU A 481 -13.33 8.04 -28.26
CA LEU A 481 -12.81 8.91 -29.31
C LEU A 481 -13.90 9.35 -30.30
N VAL A 482 -15.02 8.62 -30.35
CA VAL A 482 -16.15 9.00 -31.22
C VAL A 482 -17.30 9.68 -30.47
N GLU A 483 -17.24 9.67 -29.14
CA GLU A 483 -18.33 10.19 -28.31
C GLU A 483 -18.63 11.65 -28.61
N LYS A 484 -19.90 12.02 -28.49
CA LYS A 484 -20.30 13.41 -28.60
C LYS A 484 -19.63 14.19 -27.49
N PRO A 485 -18.84 15.22 -27.86
CA PRO A 485 -18.21 16.01 -26.82
C PRO A 485 -19.23 16.92 -26.14
N ARG A 486 -18.92 17.33 -24.92
CA ARG A 486 -19.66 18.40 -24.26
C ARG A 486 -19.50 19.68 -25.09
N PRO A 487 -20.47 20.62 -24.98
CA PRO A 487 -20.46 21.85 -25.77
C PRO A 487 -19.09 22.54 -25.77
N ASP A 488 -18.47 22.64 -26.95
CA ASP A 488 -17.16 23.26 -27.14
C ASP A 488 -16.06 22.64 -26.26
N ALA A 489 -16.22 21.35 -25.95
CA ALA A 489 -15.30 20.65 -25.05
C ALA A 489 -14.42 19.64 -25.79
N ILE A 490 -13.32 19.27 -25.15
CA ILE A 490 -12.38 18.31 -25.70
C ILE A 490 -12.86 16.86 -25.52
N PHE A 491 -13.56 16.60 -24.41
CA PHE A 491 -14.06 15.25 -24.11
C PHE A 491 -15.58 15.16 -24.05
N GLY A 492 -16.08 13.94 -24.09
CA GLY A 492 -17.48 13.64 -23.84
C GLY A 492 -17.63 13.14 -22.41
N GLU A 493 -18.86 12.77 -22.05
CA GLU A 493 -19.20 12.33 -20.71
C GLU A 493 -18.32 11.21 -20.16
N THR A 494 -18.29 10.08 -20.89
CA THR A 494 -17.60 8.86 -20.45
C THR A 494 -16.14 9.10 -20.07
N MET A 495 -15.42 9.86 -20.90
CA MET A 495 -14.02 10.18 -20.65
C MET A 495 -13.83 10.87 -19.31
N VAL A 496 -14.70 11.84 -19.02
CA VAL A 496 -14.59 12.63 -17.80
C VAL A 496 -15.03 11.85 -16.57
N GLU A 497 -16.17 11.18 -16.66
CA GLU A 497 -16.76 10.47 -15.52
C GLU A 497 -16.00 9.20 -15.12
N LEU A 498 -15.12 8.74 -16.01
CA LEU A 498 -14.21 7.64 -15.70
C LEU A 498 -12.83 8.19 -15.34
N GLY A 499 -12.34 9.14 -16.13
CA GLY A 499 -11.01 9.73 -15.93
C GLY A 499 -10.82 10.44 -14.62
N ALA A 500 -11.80 11.27 -14.23
CA ALA A 500 -11.70 12.07 -13.01
C ALA A 500 -11.54 11.26 -11.72
N PRO A 501 -12.35 10.19 -11.53
CA PRO A 501 -12.16 9.33 -10.36
C PRO A 501 -10.75 8.71 -10.30
N PHE A 502 -10.33 8.07 -11.39
CA PHE A 502 -8.98 7.50 -11.48
C PHE A 502 -7.93 8.57 -11.20
N SER A 503 -8.13 9.73 -11.81
CA SER A 503 -7.23 10.86 -11.70
C SER A 503 -7.04 11.32 -10.27
N LEU A 504 -8.15 11.58 -9.57
CA LEU A 504 -8.10 12.17 -8.24
C LEU A 504 -7.55 11.25 -7.14
N LYS A 505 -7.89 9.96 -7.23
CA LYS A 505 -7.30 8.92 -6.37
C LYS A 505 -5.78 8.92 -6.45
N GLY A 506 -5.25 8.94 -7.67
CA GLY A 506 -3.82 8.90 -7.86
C GLY A 506 -3.12 10.16 -7.36
N LEU A 507 -3.84 11.27 -7.37
CA LEU A 507 -3.27 12.54 -6.94
C LEU A 507 -3.31 12.68 -5.43
N MET A 508 -4.47 12.46 -4.84
CA MET A 508 -4.65 12.63 -3.40
C MET A 508 -4.20 11.41 -2.59
N GLY A 509 -4.24 10.23 -3.22
CA GLY A 509 -3.84 8.98 -2.58
C GLY A 509 -2.35 8.85 -2.35
N ASN A 510 -1.58 9.83 -2.84
CA ASN A 510 -0.15 9.88 -2.62
C ASN A 510 0.15 10.01 -1.12
N PRO A 511 1.23 9.37 -0.64
CA PRO A 511 1.58 9.50 0.78
C PRO A 511 1.82 10.93 1.25
N ILE A 512 2.36 11.80 0.39
CA ILE A 512 2.68 13.17 0.81
C ILE A 512 1.44 13.99 1.16
N CYS A 513 0.27 13.46 0.81
CA CYS A 513 -1.00 14.10 1.13
C CYS A 513 -1.59 13.63 2.46
N SER A 514 -1.02 12.58 3.04
CA SER A 514 -1.50 12.05 4.32
C SER A 514 -1.13 13.00 5.47
N PRO A 515 -1.96 13.06 6.53
CA PRO A 515 -1.71 14.04 7.61
C PRO A 515 -0.29 13.97 8.18
N GLN A 516 0.23 12.76 8.33
CA GLN A 516 1.56 12.58 8.88
C GLN A 516 2.68 13.04 7.94
N TYR A 517 2.36 13.20 6.65
CA TYR A 517 3.31 13.77 5.68
C TYR A 517 3.07 15.26 5.43
N TRP A 518 1.82 15.70 5.43
CA TRP A 518 1.48 17.07 5.04
C TRP A 518 1.79 18.13 6.11
N LYS A 519 3.07 18.38 6.31
CA LYS A 519 3.56 19.36 7.26
C LYS A 519 4.92 19.90 6.79
N PRO A 520 5.29 21.13 7.20
CA PRO A 520 6.47 21.80 6.62
C PRO A 520 7.80 21.07 6.84
N SER A 521 7.95 20.33 7.94
CA SER A 521 9.19 19.60 8.20
C SER A 521 9.49 18.51 7.16
N THR A 522 8.45 17.95 6.54
CA THR A 522 8.60 16.94 5.50
C THR A 522 9.40 17.49 4.32
N PHE A 523 9.26 18.80 4.08
CA PHE A 523 9.82 19.44 2.89
C PHE A 523 10.95 20.42 3.19
N GLY A 524 11.59 20.25 4.36
CA GLY A 524 12.73 21.08 4.74
C GLY A 524 12.38 22.40 5.39
N GLY A 525 11.15 22.53 5.88
CA GLY A 525 10.70 23.76 6.53
C GLY A 525 9.72 24.53 5.68
N GLU A 526 9.41 25.75 6.11
CA GLU A 526 8.45 26.59 5.41
C GLU A 526 8.89 26.93 3.98
N VAL A 527 10.19 27.08 3.78
CA VAL A 527 10.74 27.43 2.47
C VAL A 527 10.41 26.37 1.42
N GLY A 528 10.66 25.10 1.75
CA GLY A 528 10.31 23.98 0.87
C GLY A 528 8.81 23.84 0.66
N PHE A 529 8.05 24.01 1.74
CA PHE A 529 6.59 23.94 1.71
C PHE A 529 6.04 25.05 0.80
N LYS A 530 6.61 26.24 0.90
CA LYS A 530 6.24 27.39 0.07
C LYS A 530 6.36 27.07 -1.43
N ILE A 531 7.42 26.34 -1.79
CA ILE A 531 7.65 25.96 -3.19
C ILE A 531 6.45 25.20 -3.76
N ILE A 532 5.94 24.23 -3.00
CA ILE A 532 4.77 23.45 -3.41
C ILE A 532 3.53 24.33 -3.56
N ASN A 533 3.17 25.06 -2.51
CA ASN A 533 1.87 25.74 -2.44
C ASN A 533 1.71 26.96 -3.34
N THR A 534 2.80 27.35 -4.03
CA THR A 534 2.76 28.45 -4.98
C THR A 534 3.22 28.00 -6.36
N ALA A 535 3.49 26.70 -6.50
CA ALA A 535 3.87 26.12 -7.78
C ALA A 535 2.76 26.25 -8.83
N SER A 536 3.18 26.53 -10.05
CA SER A 536 2.28 26.61 -11.20
C SER A 536 3.07 26.28 -12.45
N ILE A 537 2.38 25.95 -13.53
CA ILE A 537 3.03 25.68 -14.81
C ILE A 537 3.82 26.90 -15.30
N GLN A 538 3.33 28.08 -14.97
CA GLN A 538 3.99 29.33 -15.34
C GLN A 538 5.28 29.52 -14.53
N SER A 539 5.22 29.28 -13.22
CA SER A 539 6.37 29.44 -12.35
C SER A 539 7.44 28.39 -12.65
N LEU A 540 6.99 27.19 -13.04
CA LEU A 540 7.91 26.11 -13.40
C LEU A 540 8.79 26.51 -14.58
N ILE A 541 8.16 27.10 -15.60
CA ILE A 541 8.87 27.53 -16.80
C ILE A 541 9.70 28.78 -16.52
N CYS A 542 9.12 29.72 -15.80
CA CYS A 542 9.77 30.97 -15.47
C CYS A 542 11.09 30.75 -14.72
N ASN A 543 11.09 29.82 -13.77
CA ASN A 543 12.27 29.53 -12.96
C ASN A 543 13.35 28.76 -13.71
N ASN A 544 12.97 28.04 -14.75
CA ASN A 544 13.88 27.08 -15.39
C ASN A 544 14.17 27.29 -16.88
N VAL A 545 13.48 28.24 -17.50
CA VAL A 545 13.68 28.51 -18.92
C VAL A 545 14.20 29.94 -19.08
N LYS A 546 15.32 30.08 -19.79
CA LYS A 546 15.94 31.39 -20.01
C LYS A 546 14.93 32.42 -20.52
N GLY A 547 14.97 33.61 -19.94
CA GLY A 547 14.11 34.72 -20.35
C GLY A 547 12.67 34.61 -19.91
N CYS A 548 12.40 33.71 -18.96
CA CYS A 548 11.05 33.46 -18.41
C CYS A 548 9.90 33.74 -19.40
N PRO A 549 9.72 32.85 -20.39
CA PRO A 549 8.60 32.99 -21.35
C PRO A 549 7.26 32.83 -20.67
N PHE A 550 6.23 33.49 -21.22
CA PHE A 550 4.86 33.24 -20.81
C PHE A 550 4.45 31.84 -21.27
N THR A 551 3.69 31.14 -20.44
CA THR A 551 3.16 29.83 -20.81
C THR A 551 1.83 29.53 -20.11
N SER A 552 1.02 28.70 -20.75
CA SER A 552 -0.21 28.17 -20.20
C SER A 552 -0.58 26.90 -20.96
N PHE A 553 -1.69 26.29 -20.59
CA PHE A 553 -2.14 25.09 -21.28
C PHE A 553 -3.14 25.38 -22.40
N ASN A 554 -3.41 26.67 -22.63
CA ASN A 554 -4.24 27.05 -23.77
C ASN A 554 -3.64 28.16 -24.64
N VAL A 555 -4.02 28.17 -25.91
CA VAL A 555 -3.49 29.12 -26.90
C VAL A 555 -3.96 30.55 -26.64
N HIS B 5 28.00 18.09 16.11
CA HIS B 5 27.00 16.99 15.97
C HIS B 5 25.61 17.50 15.56
N HIS B 6 24.70 16.57 15.27
CA HIS B 6 23.33 16.89 14.87
C HIS B 6 22.57 17.63 16.00
N PRO B 7 21.83 18.69 15.64
CA PRO B 7 21.11 19.49 16.66
C PRO B 7 19.87 18.82 17.28
N CYS B 8 19.49 17.65 16.79
CA CYS B 8 18.31 16.95 17.30
C CYS B 8 18.64 15.74 18.17
N CYS B 9 19.92 15.59 18.51
CA CYS B 9 20.40 14.48 19.31
C CYS B 9 19.75 14.36 20.68
N SER B 10 19.36 15.50 21.27
CA SER B 10 18.74 15.51 22.60
C SER B 10 17.27 15.11 22.58
N ASN B 11 16.73 14.85 21.39
CA ASN B 11 15.29 14.63 21.16
C ASN B 11 14.45 15.72 21.83
N PRO B 12 14.60 16.97 21.38
CA PRO B 12 14.01 18.11 22.09
C PRO B 12 12.50 18.20 21.93
N CYS B 13 11.99 17.79 20.76
CA CYS B 13 10.59 17.94 20.42
C CYS B 13 9.72 16.92 21.14
N GLN B 14 8.69 17.41 21.81
CA GLN B 14 7.81 16.56 22.61
C GLN B 14 6.47 16.33 21.93
N ASN B 15 5.68 15.43 22.52
CA ASN B 15 4.30 15.18 22.12
C ASN B 15 4.08 14.91 20.63
N ARG B 16 5.07 14.26 20.01
CA ARG B 16 5.00 13.81 18.61
C ARG B 16 5.34 14.88 17.56
N GLY B 17 5.87 16.02 18.03
CA GLY B 17 6.45 17.03 17.14
C GLY B 17 7.70 16.50 16.47
N GLU B 18 8.05 17.08 15.32
CA GLU B 18 9.17 16.58 14.53
C GLU B 18 10.36 17.53 14.51
N CYS B 19 11.54 16.99 14.79
CA CYS B 19 12.77 17.78 14.83
C CYS B 19 13.40 17.92 13.46
N MET B 20 13.94 19.10 13.18
CA MET B 20 14.59 19.42 11.92
C MET B 20 15.72 20.39 12.21
N SER B 21 16.92 20.10 11.67
CA SER B 21 18.04 21.03 11.83
C SER B 21 17.80 22.29 10.99
N THR B 22 18.12 23.44 11.57
CA THR B 22 18.01 24.74 10.90
C THR B 22 19.33 25.48 11.00
N GLY B 23 20.41 24.80 10.62
CA GLY B 23 21.75 25.31 10.81
C GLY B 23 22.59 24.24 11.51
N PHE B 24 23.88 24.52 11.67
CA PHE B 24 24.79 23.56 12.30
C PHE B 24 24.52 23.37 13.80
N ASP B 25 23.99 24.41 14.45
CA ASP B 25 23.85 24.44 15.92
C ASP B 25 22.42 24.61 16.42
N GLN B 26 21.46 24.75 15.52
CA GLN B 26 20.08 25.06 15.90
C GLN B 26 19.07 24.09 15.31
N TYR B 27 17.91 23.99 15.92
CA TYR B 27 16.82 23.14 15.43
C TYR B 27 15.49 23.87 15.38
N LYS B 28 14.49 23.23 14.79
CA LYS B 28 13.12 23.68 14.82
C LYS B 28 12.18 22.49 14.98
N CYS B 29 11.23 22.60 15.92
CA CYS B 29 10.19 21.60 16.06
C CYS B 29 9.01 21.95 15.17
N ASP B 30 8.47 20.94 14.49
CA ASP B 30 7.23 21.09 13.75
C ASP B 30 6.11 20.51 14.60
N CYS B 31 5.27 21.41 15.13
CA CYS B 31 4.21 21.04 16.07
C CYS B 31 2.86 20.82 15.41
N THR B 32 2.84 20.78 14.08
CA THR B 32 1.60 20.57 13.29
C THR B 32 0.78 19.39 13.81
N ARG B 33 -0.48 19.68 14.14
CA ARG B 33 -1.49 18.69 14.56
C ARG B 33 -1.15 17.84 15.79
N THR B 34 -0.17 18.28 16.58
CA THR B 34 0.19 17.59 17.82
C THR B 34 -0.77 17.93 18.96
N GLY B 35 -1.43 19.09 18.87
CA GLY B 35 -2.29 19.60 19.93
C GLY B 35 -1.52 20.45 20.92
N PHE B 36 -0.23 20.66 20.64
CA PHE B 36 0.66 21.45 21.47
C PHE B 36 1.36 22.50 20.60
N TYR B 37 1.95 23.51 21.25
CA TYR B 37 2.77 24.49 20.54
C TYR B 37 3.97 24.94 21.38
N GLY B 38 4.73 25.89 20.86
CA GLY B 38 5.94 26.38 21.52
C GLY B 38 7.20 25.77 20.95
N GLU B 39 8.34 26.19 21.49
CA GLU B 39 9.65 25.76 21.01
C GLU B 39 9.80 24.23 20.93
N ASN B 40 9.32 23.52 21.95
CA ASN B 40 9.47 22.07 22.02
C ASN B 40 8.14 21.32 22.02
N CYS B 41 7.11 21.95 21.45
CA CYS B 41 5.74 21.42 21.42
C CYS B 41 5.29 20.96 22.80
N THR B 42 5.44 21.85 23.79
CA THR B 42 5.15 21.53 25.18
C THR B 42 3.94 22.28 25.73
N THR B 43 3.71 23.49 25.23
CA THR B 43 2.56 24.30 25.64
C THR B 43 1.26 23.73 25.05
N PRO B 44 0.37 23.21 25.91
CA PRO B 44 -0.85 22.57 25.42
C PRO B 44 -1.91 23.58 24.99
N GLU B 45 -2.67 23.22 23.97
CA GLU B 45 -3.83 24.02 23.56
C GLU B 45 -4.99 23.79 24.53
N PHE B 46 -5.98 24.67 24.48
CA PHE B 46 -7.13 24.61 25.38
C PHE B 46 -7.89 23.28 25.31
N LEU B 47 -8.22 22.85 24.10
CA LEU B 47 -8.90 21.56 23.88
C LEU B 47 -8.05 20.39 24.40
N THR B 48 -6.73 20.51 24.23
CA THR B 48 -5.77 19.49 24.67
C THR B 48 -5.67 19.41 26.19
N ARG B 49 -5.80 20.56 26.86
CA ARG B 49 -5.87 20.61 28.33
C ARG B 49 -7.07 19.83 28.85
N ILE B 50 -8.20 19.95 28.15
CA ILE B 50 -9.43 19.25 28.53
C ILE B 50 -9.31 17.75 28.27
N LYS B 51 -8.67 17.39 27.15
CA LYS B 51 -8.47 15.99 26.77
C LYS B 51 -7.49 15.26 27.72
N LEU B 52 -6.45 15.96 28.17
CA LEU B 52 -5.48 15.37 29.10
C LEU B 52 -6.02 15.30 30.54
N LEU B 53 -7.12 15.99 30.79
CA LEU B 53 -7.78 16.00 32.10
C LEU B 53 -8.79 14.85 32.21
N LEU B 54 -9.37 14.45 31.09
CA LEU B 54 -10.44 13.45 31.08
C LEU B 54 -9.99 12.03 30.72
N LYS B 55 -8.85 11.92 30.03
CA LYS B 55 -8.33 10.63 29.59
C LYS B 55 -7.68 9.84 30.74
N PRO B 56 -8.15 8.60 30.98
CA PRO B 56 -7.62 7.75 32.03
C PRO B 56 -6.28 7.10 31.65
N THR B 57 -5.47 6.78 32.66
CA THR B 57 -4.18 6.11 32.45
C THR B 57 -4.38 4.67 31.96
N PRO B 58 -3.43 4.14 31.15
CA PRO B 58 -3.53 2.77 30.66
C PRO B 58 -3.64 1.73 31.77
N ASN B 59 -3.09 2.05 32.95
CA ASN B 59 -3.22 1.19 34.12
C ASN B 59 -4.64 1.18 34.68
N THR B 60 -5.31 2.33 34.65
CA THR B 60 -6.72 2.44 35.06
C THR B 60 -7.61 1.65 34.10
N VAL B 61 -7.34 1.80 32.80
CA VAL B 61 -8.11 1.12 31.75
C VAL B 61 -7.94 -0.39 31.82
N HIS B 62 -6.73 -0.84 32.14
CA HIS B 62 -6.44 -2.26 32.30
C HIS B 62 -7.17 -2.86 33.50
N TYR B 63 -7.24 -2.10 34.59
CA TYR B 63 -7.93 -2.52 35.81
C TYR B 63 -9.40 -2.81 35.55
N ILE B 64 -10.09 -1.87 34.91
CA ILE B 64 -11.51 -2.01 34.60
C ILE B 64 -11.78 -3.27 33.76
N LEU B 65 -10.92 -3.51 32.77
CA LEU B 65 -11.09 -4.64 31.87
C LEU B 65 -10.73 -5.99 32.48
N THR B 66 -9.89 -5.99 33.51
CA THR B 66 -9.48 -7.23 34.19
C THR B 66 -10.22 -7.45 35.51
N HIS B 67 -11.11 -6.52 35.86
CA HIS B 67 -11.96 -6.65 37.04
C HIS B 67 -13.43 -6.54 36.63
N PHE B 68 -14.32 -6.58 37.63
CA PHE B 68 -15.77 -6.47 37.42
C PHE B 68 -16.32 -7.58 36.53
N LYS B 69 -15.88 -8.81 36.81
CA LYS B 69 -16.18 -9.98 35.96
C LYS B 69 -17.67 -10.13 35.63
N GLY B 70 -18.52 -9.89 36.61
CA GLY B 70 -19.97 -10.00 36.44
C GLY B 70 -20.55 -8.99 35.47
N VAL B 71 -20.04 -7.76 35.53
CA VAL B 71 -20.49 -6.67 34.66
C VAL B 71 -20.17 -6.99 33.19
N TRP B 72 -18.94 -7.44 32.94
CA TRP B 72 -18.51 -7.81 31.59
C TRP B 72 -19.27 -9.00 31.02
N ASN B 73 -19.78 -9.87 31.89
CA ASN B 73 -20.61 -10.99 31.48
C ASN B 73 -21.95 -10.52 30.90
N ILE B 74 -22.45 -9.40 31.42
CA ILE B 74 -23.63 -8.75 30.84
C ILE B 74 -23.25 -8.07 29.54
N VAL B 75 -22.16 -7.30 29.57
CA VAL B 75 -21.65 -6.57 28.40
C VAL B 75 -21.40 -7.49 27.21
N ASN B 76 -20.84 -8.67 27.48
CA ASN B 76 -20.52 -9.65 26.44
C ASN B 76 -21.74 -10.31 25.81
N ASN B 77 -22.89 -10.18 26.45
CA ASN B 77 -24.13 -10.80 25.98
C ASN B 77 -25.19 -9.83 25.42
N ILE B 78 -24.85 -8.54 25.39
CA ILE B 78 -25.63 -7.55 24.66
C ILE B 78 -24.80 -7.13 23.44
N PRO B 79 -25.21 -7.55 22.23
CA PRO B 79 -24.42 -7.35 21.00
C PRO B 79 -24.07 -5.89 20.71
N PHE B 80 -25.01 -4.98 20.95
CA PHE B 80 -24.79 -3.55 20.75
C PHE B 80 -23.68 -2.99 21.65
N LEU B 81 -23.75 -3.30 22.95
CA LEU B 81 -22.73 -2.90 23.92
C LEU B 81 -21.34 -3.47 23.60
N ARG B 82 -21.30 -4.72 23.15
CA ARG B 82 -20.05 -5.38 22.80
C ARG B 82 -19.42 -4.76 21.55
N SER B 83 -20.24 -4.41 20.58
CA SER B 83 -19.79 -3.75 19.35
C SER B 83 -19.27 -2.33 19.59
N LEU B 84 -19.92 -1.60 20.51
CA LEU B 84 -19.55 -0.22 20.81
C LEU B 84 -18.18 -0.15 21.47
N ILE B 85 -17.92 -1.06 22.40
CA ILE B 85 -16.66 -1.08 23.13
C ILE B 85 -15.51 -1.54 22.25
N MET B 86 -15.74 -2.63 21.49
CA MET B 86 -14.74 -3.14 20.56
C MET B 86 -14.30 -2.06 19.57
N LYS B 87 -15.25 -1.23 19.15
CA LYS B 87 -14.99 -0.11 18.25
C LYS B 87 -13.97 0.87 18.85
N TYR B 88 -14.11 1.18 20.13
CA TYR B 88 -13.19 2.09 20.82
C TYR B 88 -11.79 1.47 21.00
N VAL B 89 -11.77 0.17 21.29
CA VAL B 89 -10.53 -0.59 21.44
C VAL B 89 -9.66 -0.44 20.17
N LEU B 90 -10.30 -0.56 19.02
CA LEU B 90 -9.62 -0.48 17.73
C LEU B 90 -9.17 0.94 17.36
N THR B 91 -10.02 1.94 17.62
CA THR B 91 -9.77 3.32 17.18
C THR B 91 -8.79 4.07 18.07
N SER B 92 -9.00 4.00 19.38
CA SER B 92 -8.15 4.68 20.37
C SER B 92 -6.70 4.24 20.31
N ARG B 93 -6.47 3.13 19.61
CA ARG B 93 -5.16 2.51 19.55
C ARG B 93 -4.49 2.72 18.20
N SER B 94 -5.30 2.91 17.15
CA SER B 94 -4.77 2.95 15.79
C SER B 94 -4.18 4.29 15.37
N TYR B 95 -4.54 5.36 16.06
CA TYR B 95 -3.96 6.68 15.77
C TYR B 95 -2.48 6.75 16.18
N LEU B 96 -2.06 5.81 17.03
CA LEU B 96 -0.68 5.75 17.49
C LEU B 96 0.31 5.26 16.42
N ILE B 97 -0.20 4.86 15.26
CA ILE B 97 0.64 4.29 14.19
C ILE B 97 0.65 5.17 12.94
N ASP B 98 1.84 5.52 12.46
CA ASP B 98 1.98 6.26 11.20
C ASP B 98 1.64 5.36 10.02
N SER B 99 0.62 5.75 9.27
CA SER B 99 0.13 4.96 8.15
C SER B 99 -0.51 5.91 7.12
N PRO B 100 0.16 6.11 5.96
CA PRO B 100 1.39 5.50 5.43
C PRO B 100 2.60 5.63 6.36
N PRO B 101 3.55 4.68 6.27
CA PRO B 101 4.69 4.64 7.20
C PRO B 101 5.70 5.75 6.92
N THR B 102 6.53 6.05 7.91
CA THR B 102 7.47 7.16 7.78
C THR B 102 8.93 6.73 7.71
N TYR B 103 9.57 6.58 8.86
CA TYR B 103 11.03 6.40 8.93
C TYR B 103 11.47 4.95 8.81
N ASN B 104 12.77 4.76 8.58
CA ASN B 104 13.40 3.44 8.70
C ASN B 104 14.84 3.59 9.22
N VAL B 105 15.57 2.48 9.29
CA VAL B 105 16.92 2.49 9.87
C VAL B 105 17.89 3.46 9.16
N HIS B 106 17.67 3.72 7.88
CA HIS B 106 18.55 4.60 7.12
C HIS B 106 18.04 6.04 6.99
N TYR B 107 16.76 6.26 7.30
CA TYR B 107 16.15 7.59 7.14
C TYR B 107 15.45 8.09 8.41
N GLY B 108 16.07 9.08 9.04
CA GLY B 108 15.50 9.74 10.21
C GLY B 108 14.58 10.89 9.85
N TYR B 109 14.42 11.12 8.55
CA TYR B 109 13.52 12.12 7.98
C TYR B 109 12.66 11.40 6.95
N LYS B 110 11.45 11.90 6.71
CA LYS B 110 10.56 11.30 5.70
C LYS B 110 11.16 11.47 4.32
N SER B 111 11.16 10.37 3.55
CA SER B 111 11.69 10.34 2.19
C SER B 111 10.98 9.30 1.35
N TRP B 112 11.12 9.40 0.04
CA TRP B 112 10.50 8.46 -0.86
C TRP B 112 11.13 7.06 -0.77
N GLU B 113 12.45 7.00 -0.57
CA GLU B 113 13.13 5.73 -0.33
C GLU B 113 12.48 4.98 0.84
N ALA B 114 12.27 5.70 1.94
CA ALA B 114 11.68 5.13 3.14
C ALA B 114 10.27 4.63 2.89
N PHE B 115 9.45 5.43 2.21
CA PHE B 115 8.08 5.03 1.91
C PHE B 115 7.97 3.88 0.90
N SER B 116 8.76 3.95 -0.17
CA SER B 116 8.55 3.06 -1.33
C SER B 116 9.30 1.72 -1.28
N ASN B 117 10.39 1.65 -0.51
CA ASN B 117 11.23 0.45 -0.43
C ASN B 117 10.72 -0.50 0.64
N LEU B 118 10.00 -1.53 0.19
CA LEU B 118 9.36 -2.50 1.09
C LEU B 118 10.35 -3.44 1.78
N SER B 119 11.62 -3.39 1.38
CA SER B 119 12.68 -4.21 1.97
C SER B 119 13.04 -3.79 3.40
N TYR B 120 12.67 -2.57 3.79
CA TYR B 120 12.93 -2.09 5.14
C TYR B 120 11.78 -2.44 6.08
N TYR B 121 12.11 -2.74 7.32
CA TYR B 121 11.15 -2.59 8.40
C TYR B 121 10.97 -1.09 8.58
N THR B 122 9.75 -0.64 8.84
CA THR B 122 9.54 0.77 9.16
C THR B 122 9.94 1.04 10.61
N ARG B 123 9.89 2.30 11.02
CA ARG B 123 10.29 2.69 12.38
C ARG B 123 9.28 3.61 13.02
N ALA B 124 8.82 3.24 14.22
CA ALA B 124 7.89 4.06 14.99
C ALA B 124 8.59 5.31 15.51
N LEU B 125 9.92 5.24 15.57
CA LEU B 125 10.74 6.35 16.03
C LEU B 125 12.04 6.38 15.21
N PRO B 126 12.45 7.58 14.75
CA PRO B 126 13.66 7.68 13.93
C PRO B 126 14.92 7.22 14.69
N PRO B 127 15.94 6.74 13.96
CA PRO B 127 17.18 6.35 14.61
C PRO B 127 17.96 7.55 15.18
N VAL B 128 18.70 7.31 16.26
CA VAL B 128 19.65 8.29 16.79
C VAL B 128 20.69 8.55 15.71
N ALA B 129 20.96 9.83 15.43
CA ALA B 129 21.92 10.23 14.38
C ALA B 129 23.32 9.64 14.64
N ASP B 130 24.07 9.42 13.56
CA ASP B 130 25.39 8.79 13.63
C ASP B 130 26.38 9.62 14.45
N ASP B 131 26.31 10.94 14.31
CA ASP B 131 27.30 11.83 14.91
C ASP B 131 26.99 12.27 16.34
N CYS B 132 25.91 11.77 16.93
CA CYS B 132 25.55 12.11 18.31
C CYS B 132 26.66 11.72 19.29
N PRO B 133 26.86 12.53 20.36
CA PRO B 133 27.95 12.27 21.30
C PRO B 133 27.77 11.01 22.15
N THR B 134 26.52 10.62 22.42
CA THR B 134 26.25 9.36 23.15
C THR B 134 25.30 8.48 22.36
N PRO B 135 25.37 7.14 22.55
CA PRO B 135 24.53 6.20 21.81
C PRO B 135 23.04 6.53 21.85
N MET B 136 22.58 7.08 22.97
CA MET B 136 21.16 7.44 23.11
C MET B 136 20.86 8.90 22.76
N GLY B 137 21.86 9.76 22.29
CA GLY B 137 21.80 11.22 22.18
C GLY B 137 22.84 11.92 23.02
N VAL B 138 22.40 12.61 23.94
CA VAL B 138 23.32 13.43 24.72
C VAL B 138 23.50 12.89 26.15
N LYS B 139 22.50 12.16 26.63
CA LYS B 139 22.50 11.62 27.99
C LYS B 139 23.24 10.28 28.06
N GLY B 140 23.76 9.96 29.24
CA GLY B 140 24.48 8.71 29.46
C GLY B 140 25.96 8.80 29.12
N ASN B 141 26.66 7.67 29.26
CA ASN B 141 28.09 7.57 28.96
C ASN B 141 28.35 7.49 27.46
N LYS B 142 29.63 7.62 27.08
CA LYS B 142 30.06 7.48 25.68
C LYS B 142 29.68 6.11 25.09
N GLU B 143 29.64 5.10 25.96
CA GLU B 143 29.25 3.75 25.54
C GLU B 143 28.18 3.17 26.45
N LEU B 144 27.32 2.35 25.87
CA LEU B 144 26.31 1.61 26.63
C LEU B 144 26.98 0.44 27.34
N PRO B 145 26.36 -0.08 28.43
CA PRO B 145 26.90 -1.24 29.12
C PRO B 145 27.05 -2.44 28.18
N ASP B 146 28.08 -3.24 28.40
CA ASP B 146 28.27 -4.47 27.63
C ASP B 146 26.98 -5.26 27.64
N SER B 147 26.55 -5.68 26.45
CA SER B 147 25.29 -6.39 26.29
C SER B 147 25.28 -7.72 27.04
N LYS B 148 26.44 -8.36 27.12
CA LYS B 148 26.62 -9.60 27.89
C LYS B 148 26.34 -9.38 29.37
N GLU B 149 26.69 -8.20 29.87
CA GLU B 149 26.54 -7.85 31.27
C GLU B 149 25.07 -7.63 31.62
N VAL B 150 24.36 -6.93 30.74
CA VAL B 150 22.93 -6.68 30.90
C VAL B 150 22.16 -8.00 30.86
N LEU B 151 22.54 -8.87 29.93
CA LEU B 151 21.93 -10.18 29.74
C LEU B 151 22.10 -11.07 30.98
N GLU B 152 23.33 -11.15 31.48
CA GLU B 152 23.67 -12.07 32.56
C GLU B 152 23.04 -11.65 33.89
N LYS B 153 23.00 -10.34 34.13
CA LYS B 153 22.56 -9.81 35.40
C LYS B 153 21.04 -9.82 35.58
N VAL B 154 20.30 -9.45 34.53
CA VAL B 154 18.86 -9.25 34.68
C VAL B 154 17.96 -10.03 33.70
N LEU B 155 18.58 -10.72 32.74
CA LEU B 155 17.79 -11.40 31.71
C LEU B 155 17.82 -12.92 31.80
N LEU B 156 19.01 -13.49 32.00
CA LEU B 156 19.16 -14.94 31.99
C LEU B 156 18.35 -15.63 33.09
N ARG B 157 17.83 -16.81 32.83
CA ARG B 157 16.87 -17.47 33.73
C ARG B 157 17.49 -18.16 34.93
N ARG B 158 17.00 -18.07 36.11
CA ARG B 158 17.65 -18.89 37.07
C ARG B 158 16.73 -20.04 37.36
N GLU B 159 15.80 -19.82 38.24
CA GLU B 159 14.74 -20.75 38.40
C GLU B 159 13.69 -20.37 37.39
N PHE B 160 13.05 -21.37 36.80
CA PHE B 160 11.99 -21.18 35.80
C PHE B 160 10.81 -20.44 36.40
N ILE B 161 10.38 -19.37 35.73
CA ILE B 161 9.24 -18.58 36.19
C ILE B 161 8.07 -18.81 35.23
N PRO B 162 7.07 -19.61 35.68
CA PRO B 162 5.92 -19.90 34.83
C PRO B 162 5.07 -18.66 34.64
N ASP B 163 4.36 -18.60 33.52
CA ASP B 163 3.44 -17.49 33.27
C ASP B 163 2.19 -17.65 34.14
N PRO B 164 1.92 -16.66 35.00
CA PRO B 164 0.76 -16.71 35.91
C PRO B 164 -0.59 -16.68 35.19
N GLN B 165 -0.60 -16.19 33.95
CA GLN B 165 -1.80 -16.18 33.12
C GLN B 165 -2.13 -17.56 32.56
N GLY B 166 -1.15 -18.47 32.62
CA GLY B 166 -1.37 -19.86 32.28
C GLY B 166 -1.09 -20.22 30.83
N SER B 167 -0.43 -19.32 30.10
CA SER B 167 -0.09 -19.57 28.71
C SER B 167 0.65 -20.89 28.57
N ASN B 168 0.22 -21.69 27.61
CA ASN B 168 0.83 -22.99 27.36
C ASN B 168 1.81 -22.99 26.18
N MET B 169 2.28 -24.17 25.79
CA MET B 169 3.19 -24.32 24.67
C MET B 169 2.46 -24.21 23.33
N MET B 170 1.15 -24.46 23.35
CA MET B 170 0.31 -24.27 22.19
C MET B 170 0.29 -22.78 21.82
N PHE B 171 0.25 -21.93 22.85
CA PHE B 171 0.31 -20.49 22.68
C PHE B 171 1.68 -20.06 22.17
N ALA B 172 2.72 -20.56 22.84
CA ALA B 172 4.11 -20.19 22.53
C ALA B 172 4.44 -20.47 21.08
N PHE B 173 4.12 -21.67 20.60
CA PHE B 173 4.40 -22.05 19.22
C PHE B 173 3.48 -21.37 18.21
N PHE B 174 2.25 -21.07 18.61
CA PHE B 174 1.36 -20.30 17.73
C PHE B 174 1.94 -18.91 17.51
N ALA B 175 2.33 -18.25 18.60
CA ALA B 175 3.01 -16.98 18.54
C ALA B 175 4.19 -17.02 17.57
N GLN B 176 5.03 -18.04 17.73
CA GLN B 176 6.23 -18.17 16.91
C GLN B 176 5.88 -18.39 15.43
N HIS B 177 4.96 -19.31 15.19
CA HIS B 177 4.52 -19.64 13.83
C HIS B 177 3.83 -18.45 13.15
N PHE B 178 2.83 -17.88 13.81
CA PHE B 178 2.06 -16.77 13.25
C PHE B 178 2.91 -15.53 12.93
N THR B 179 3.76 -15.11 13.87
CA THR B 179 4.55 -13.89 13.67
C THR B 179 5.70 -14.03 12.67
N HIS B 180 6.11 -15.27 12.39
CA HIS B 180 7.22 -15.49 11.47
C HIS B 180 6.82 -15.42 10.00
N GLN B 181 5.57 -15.03 9.74
CA GLN B 181 5.17 -14.66 8.39
C GLN B 181 5.51 -13.19 8.10
N PHE B 182 5.56 -12.38 9.16
CA PHE B 182 5.93 -10.96 9.01
C PHE B 182 7.24 -10.52 9.66
N PHE B 183 7.83 -11.36 10.51
CA PHE B 183 9.18 -11.11 11.00
C PHE B 183 10.14 -12.07 10.29
N LYS B 184 10.74 -11.58 9.21
CA LYS B 184 11.61 -12.39 8.36
C LYS B 184 12.86 -11.60 7.99
N THR B 185 13.66 -11.32 9.01
CA THR B 185 14.81 -10.43 8.87
C THR B 185 15.80 -10.92 7.81
N ASP B 186 16.20 -10.00 6.94
CA ASP B 186 17.09 -10.30 5.83
C ASP B 186 18.55 -10.12 6.29
N HIS B 187 19.10 -11.18 6.88
CA HIS B 187 20.41 -11.10 7.54
C HIS B 187 21.59 -10.83 6.61
N LYS B 188 21.46 -11.16 5.33
CA LYS B 188 22.46 -10.78 4.33
C LYS B 188 22.47 -9.26 4.15
N ARG B 189 21.34 -8.63 4.43
CA ARG B 189 21.16 -7.20 4.21
C ARG B 189 21.39 -6.41 5.50
N GLY B 190 20.83 -6.90 6.61
CA GLY B 190 20.89 -6.22 7.89
C GLY B 190 19.63 -6.40 8.72
N PRO B 191 19.70 -6.10 10.03
CA PRO B 191 18.59 -6.25 10.96
C PRO B 191 17.39 -5.34 10.68
N GLY B 192 17.63 -4.22 10.01
CA GLY B 192 16.56 -3.28 9.65
C GLY B 192 15.82 -3.66 8.37
N PHE B 193 16.19 -4.80 7.80
CA PHE B 193 15.64 -5.27 6.55
C PHE B 193 14.80 -6.54 6.71
N THR B 194 13.71 -6.62 5.96
CA THR B 194 12.83 -7.79 5.99
C THR B 194 12.72 -8.46 4.62
N ARG B 195 12.35 -9.74 4.63
CA ARG B 195 12.09 -10.49 3.42
C ARG B 195 10.61 -10.73 3.21
N GLY B 196 9.81 -10.33 4.21
CA GLY B 196 8.36 -10.42 4.12
C GLY B 196 7.80 -9.14 3.55
N LEU B 197 7.81 -9.02 2.22
CA LEU B 197 7.42 -7.78 1.55
C LEU B 197 5.92 -7.53 1.56
N GLY B 198 5.15 -8.54 1.98
CA GLY B 198 3.70 -8.38 2.15
C GLY B 198 3.35 -7.59 3.40
N HIS B 199 4.31 -7.44 4.31
CA HIS B 199 4.18 -6.63 5.53
C HIS B 199 2.90 -6.85 6.35
N GLY B 200 2.50 -8.12 6.48
CA GLY B 200 1.33 -8.45 7.27
C GLY B 200 0.88 -9.90 7.16
N VAL B 201 -0.40 -10.13 7.36
CA VAL B 201 -0.96 -11.48 7.38
C VAL B 201 -1.34 -11.92 5.97
N ASP B 202 -0.36 -12.38 5.21
CA ASP B 202 -0.60 -12.91 3.87
C ASP B 202 -0.46 -14.42 3.80
N LEU B 203 -0.07 -15.03 4.93
CA LEU B 203 0.20 -16.48 5.05
C LEU B 203 1.33 -16.99 4.14
N ASN B 204 2.32 -16.14 3.88
CA ASN B 204 3.47 -16.54 3.08
C ASN B 204 4.27 -17.66 3.75
N HIS B 205 4.06 -17.82 5.05
CA HIS B 205 4.70 -18.88 5.83
C HIS B 205 4.07 -20.26 5.52
N ILE B 206 2.89 -20.23 4.91
CA ILE B 206 2.23 -21.45 4.41
C ILE B 206 2.39 -21.58 2.89
N TYR B 207 2.10 -20.48 2.18
CA TYR B 207 2.02 -20.51 0.72
C TYR B 207 3.31 -20.14 0.00
N GLY B 208 4.25 -19.55 0.73
CA GLY B 208 5.49 -19.08 0.11
C GLY B 208 5.45 -17.59 -0.18
N GLU B 209 6.63 -16.96 -0.12
CA GLU B 209 6.77 -15.52 -0.35
C GLU B 209 6.69 -15.17 -1.83
N THR B 210 7.29 -16.01 -2.68
CA THR B 210 7.30 -15.78 -4.13
C THR B 210 6.35 -16.72 -4.85
N LEU B 211 6.00 -16.35 -6.09
CA LEU B 211 5.12 -17.17 -6.92
C LEU B 211 5.75 -18.51 -7.30
N ASP B 212 7.06 -18.50 -7.55
CA ASP B 212 7.77 -19.73 -7.93
C ASP B 212 7.76 -20.75 -6.79
N ARG B 213 7.85 -20.26 -5.55
CA ARG B 213 7.82 -21.13 -4.39
C ARG B 213 6.40 -21.68 -4.14
N GLN B 214 5.41 -20.80 -4.23
CA GLN B 214 4.00 -21.21 -4.16
C GLN B 214 3.69 -22.33 -5.15
N HIS B 215 4.20 -22.19 -6.38
CA HIS B 215 3.92 -23.13 -7.46
C HIS B 215 4.58 -24.49 -7.26
N LYS B 216 5.65 -24.52 -6.47
CA LYS B 216 6.32 -25.79 -6.17
C LYS B 216 5.61 -26.50 -5.02
N LEU B 217 4.90 -25.74 -4.21
CA LEU B 217 4.17 -26.27 -3.07
C LEU B 217 2.75 -26.72 -3.42
N ARG B 218 2.21 -26.22 -4.54
CA ARG B 218 0.85 -26.56 -4.95
C ARG B 218 0.75 -27.88 -5.71
N LEU B 219 -0.40 -28.54 -5.54
CA LEU B 219 -0.69 -29.79 -6.22
C LEU B 219 -1.23 -29.54 -7.64
N PHE B 220 -1.82 -28.37 -7.84
CA PHE B 220 -2.47 -27.98 -9.10
C PHE B 220 -3.69 -28.81 -9.48
N LYS B 221 -4.27 -29.45 -8.45
CA LYS B 221 -5.51 -30.19 -8.59
C LYS B 221 -6.36 -29.82 -7.38
N ASP B 222 -7.63 -29.50 -7.64
CA ASP B 222 -8.60 -29.18 -6.58
C ASP B 222 -8.15 -28.05 -5.64
N GLY B 223 -7.26 -27.19 -6.13
CA GLY B 223 -6.75 -26.04 -5.38
C GLY B 223 -5.88 -26.37 -4.18
N LYS B 224 -5.42 -27.61 -4.10
CA LYS B 224 -4.73 -28.10 -2.90
C LYS B 224 -3.24 -27.83 -2.89
N LEU B 225 -2.62 -28.07 -1.73
CA LEU B 225 -1.17 -28.08 -1.59
C LEU B 225 -0.68 -29.52 -1.64
N LYS B 226 0.55 -29.70 -2.11
CA LYS B 226 1.21 -31.01 -2.10
C LYS B 226 1.34 -31.50 -0.66
N TYR B 227 1.35 -32.83 -0.51
CA TYR B 227 1.51 -33.46 0.79
C TYR B 227 1.98 -34.90 0.61
N GLN B 228 2.36 -35.52 1.72
CA GLN B 228 2.57 -36.96 1.72
C GLN B 228 1.73 -37.59 2.82
N VAL B 229 1.56 -38.91 2.72
CA VAL B 229 0.81 -39.67 3.70
C VAL B 229 1.74 -40.70 4.33
N ILE B 230 2.13 -40.45 5.58
CA ILE B 230 2.97 -41.37 6.34
C ILE B 230 2.16 -41.95 7.49
N GLY B 231 1.96 -43.28 7.47
CA GLY B 231 1.20 -43.96 8.50
C GLY B 231 -0.25 -43.51 8.58
N GLY B 232 -0.80 -43.14 7.43
CA GLY B 232 -2.19 -42.68 7.34
C GLY B 232 -2.39 -41.21 7.64
N GLU B 233 -1.31 -40.54 8.04
CA GLU B 233 -1.37 -39.14 8.45
C GLU B 233 -0.81 -38.19 7.38
N VAL B 234 -1.51 -37.09 7.14
CA VAL B 234 -1.08 -36.12 6.13
C VAL B 234 0.02 -35.22 6.68
N TYR B 235 1.15 -35.21 5.99
CA TYR B 235 2.28 -34.37 6.36
C TYR B 235 2.76 -33.58 5.14
N PRO B 236 3.53 -32.50 5.37
CA PRO B 236 4.08 -31.73 4.26
C PRO B 236 4.90 -32.59 3.29
N PRO B 237 5.05 -32.13 2.04
CA PRO B 237 5.89 -32.86 1.08
C PRO B 237 7.38 -32.66 1.42
N THR B 238 8.26 -33.36 0.72
CA THR B 238 9.69 -33.26 0.99
C THR B 238 10.37 -32.18 0.15
N VAL B 239 11.61 -31.88 0.50
CA VAL B 239 12.49 -31.01 -0.30
C VAL B 239 12.82 -31.68 -1.64
N LYS B 240 13.06 -33.00 -1.61
CA LYS B 240 13.38 -33.76 -2.83
C LYS B 240 12.23 -33.75 -3.82
N ASP B 241 11.01 -33.83 -3.32
CA ASP B 241 9.81 -33.90 -4.15
C ASP B 241 9.40 -32.54 -4.75
N THR B 242 9.53 -31.48 -3.96
CA THR B 242 9.07 -30.15 -4.38
C THR B 242 10.16 -29.28 -5.00
N GLN B 243 11.41 -29.54 -4.62
CA GLN B 243 12.58 -28.72 -5.00
C GLN B 243 12.52 -27.34 -4.32
N VAL B 244 11.80 -27.29 -3.19
CA VAL B 244 11.63 -26.07 -2.40
C VAL B 244 12.76 -25.97 -1.38
N GLU B 245 13.44 -24.83 -1.38
CA GLU B 245 14.60 -24.59 -0.54
C GLU B 245 14.20 -24.40 0.93
N MET B 246 14.88 -25.15 1.81
CA MET B 246 14.63 -25.11 3.26
C MET B 246 15.96 -25.07 4.01
N ILE B 247 15.95 -24.46 5.20
CA ILE B 247 17.14 -24.45 6.05
C ILE B 247 17.19 -25.73 6.90
N TYR B 248 18.05 -26.65 6.50
CA TYR B 248 18.32 -27.87 7.28
C TYR B 248 19.84 -28.11 7.34
N PRO B 249 20.36 -28.40 8.55
CA PRO B 249 21.72 -28.91 8.72
C PRO B 249 21.96 -30.22 7.94
N PRO B 250 23.22 -30.48 7.54
CA PRO B 250 23.66 -31.66 6.79
C PRO B 250 23.09 -33.00 7.29
N HIS B 251 23.13 -33.24 8.60
CA HIS B 251 22.74 -34.54 9.17
C HIS B 251 21.26 -34.93 9.01
N ILE B 252 20.44 -33.98 8.56
CA ILE B 252 19.01 -34.23 8.39
C ILE B 252 18.70 -34.88 7.04
N PRO B 253 18.17 -36.12 7.06
CA PRO B 253 17.99 -36.92 5.85
C PRO B 253 16.79 -36.47 5.01
N GLU B 254 16.76 -36.93 3.76
CA GLU B 254 15.76 -36.54 2.77
C GLU B 254 14.31 -36.66 3.25
N ASN B 255 13.99 -37.74 3.95
CA ASN B 255 12.64 -38.00 4.43
C ASN B 255 12.11 -36.97 5.45
N LEU B 256 12.99 -36.55 6.36
CA LEU B 256 12.60 -35.63 7.44
C LEU B 256 12.77 -34.17 7.06
N GLN B 257 13.04 -33.92 5.79
CA GLN B 257 13.16 -32.56 5.28
C GLN B 257 11.85 -32.10 4.65
N PHE B 258 10.88 -31.78 5.51
CA PHE B 258 9.59 -31.27 5.04
C PHE B 258 9.71 -29.89 4.44
N ALA B 259 9.01 -29.68 3.32
CA ALA B 259 9.00 -28.40 2.64
C ALA B 259 7.71 -27.65 2.93
N VAL B 260 7.83 -26.49 3.56
CA VAL B 260 6.68 -25.64 3.83
C VAL B 260 6.94 -24.22 3.33
N GLY B 261 5.94 -23.35 3.47
CA GLY B 261 6.03 -21.97 2.96
C GLY B 261 7.18 -21.15 3.49
N GLN B 262 7.52 -21.36 4.77
CA GLN B 262 8.58 -20.62 5.44
C GLN B 262 9.82 -21.50 5.61
N GLU B 263 10.97 -21.02 5.14
CA GLU B 263 12.20 -21.84 5.07
C GLU B 263 12.86 -22.24 6.40
N VAL B 264 12.40 -21.68 7.51
CA VAL B 264 13.02 -21.98 8.81
C VAL B 264 12.14 -22.84 9.72
N PHE B 265 10.95 -23.21 9.25
CA PHE B 265 9.99 -23.94 10.08
C PHE B 265 10.39 -25.40 10.35
N GLY B 266 11.48 -25.84 9.74
CA GLY B 266 12.08 -27.13 10.07
C GLY B 266 12.93 -27.07 11.32
N LEU B 267 13.30 -25.86 11.73
CA LEU B 267 14.10 -25.62 12.94
C LEU B 267 13.48 -26.25 14.19
N VAL B 268 12.17 -26.07 14.34
CA VAL B 268 11.45 -26.50 15.54
C VAL B 268 10.27 -27.37 15.16
N PRO B 269 10.15 -28.57 15.77
CA PRO B 269 8.99 -29.44 15.58
C PRO B 269 7.69 -28.75 15.96
N GLY B 270 7.74 -27.84 16.94
CA GLY B 270 6.59 -27.06 17.36
C GLY B 270 6.01 -26.24 16.22
N LEU B 271 6.88 -25.73 15.35
CA LEU B 271 6.48 -24.96 14.18
C LEU B 271 5.92 -25.86 13.09
N MET B 272 6.58 -27.01 12.90
CA MET B 272 6.11 -27.99 11.92
C MET B 272 4.74 -28.53 12.27
N MET B 273 4.44 -28.61 13.57
CA MET B 273 3.10 -28.97 14.03
C MET B 273 2.06 -28.03 13.44
N TYR B 274 2.27 -26.72 13.63
CA TYR B 274 1.34 -25.72 13.09
C TYR B 274 1.36 -25.67 11.57
N ALA B 275 2.52 -25.91 10.97
CA ALA B 275 2.65 -25.94 9.51
C ALA B 275 1.83 -27.09 8.94
N THR B 276 1.84 -28.22 9.63
CA THR B 276 1.08 -29.40 9.23
C THR B 276 -0.42 -29.20 9.42
N ILE B 277 -0.80 -28.61 10.55
CA ILE B 277 -2.21 -28.30 10.83
C ILE B 277 -2.79 -27.36 9.77
N TRP B 278 -2.09 -26.26 9.51
CA TRP B 278 -2.54 -25.28 8.52
C TRP B 278 -2.56 -25.84 7.09
N LEU B 279 -1.62 -26.72 6.77
CA LEU B 279 -1.61 -27.36 5.46
C LEU B 279 -2.83 -28.26 5.29
N ARG B 280 -3.15 -29.01 6.34
CA ARG B 280 -4.36 -29.81 6.37
C ARG B 280 -5.60 -28.93 6.24
N GLU B 281 -5.59 -27.79 6.94
CA GLU B 281 -6.72 -26.87 6.94
C GLU B 281 -7.01 -26.33 5.55
N HIS B 282 -5.96 -25.88 4.85
CA HIS B 282 -6.12 -25.40 3.49
C HIS B 282 -6.83 -26.43 2.63
N ASN B 283 -6.32 -27.66 2.65
CA ASN B 283 -6.84 -28.75 1.84
C ASN B 283 -8.26 -29.15 2.27
N ARG B 284 -8.59 -28.92 3.54
CA ARG B 284 -9.93 -29.17 4.04
C ARG B 284 -10.90 -28.12 3.48
N VAL B 285 -10.46 -26.87 3.43
CA VAL B 285 -11.27 -25.78 2.88
C VAL B 285 -11.54 -26.01 1.38
N CYS B 286 -10.51 -26.41 0.66
CA CYS B 286 -10.62 -26.80 -0.76
C CYS B 286 -11.72 -27.82 -1.01
N ASP B 287 -11.82 -28.82 -0.14
CA ASP B 287 -12.87 -29.83 -0.23
C ASP B 287 -14.25 -29.22 -0.04
N ILE B 288 -14.40 -28.34 0.95
CA ILE B 288 -15.66 -27.64 1.20
C ILE B 288 -16.05 -26.80 -0.02
N LEU B 289 -15.09 -26.05 -0.55
CA LEU B 289 -15.32 -25.19 -1.71
C LEU B 289 -15.66 -25.98 -2.96
N LYS B 290 -14.99 -27.12 -3.15
CA LYS B 290 -15.27 -27.99 -4.29
C LYS B 290 -16.71 -28.49 -4.28
N GLN B 291 -17.24 -28.78 -3.10
CA GLN B 291 -18.63 -29.23 -2.93
C GLN B 291 -19.63 -28.12 -3.21
N GLU B 292 -19.28 -26.89 -2.82
CA GLU B 292 -20.08 -25.71 -3.11
C GLU B 292 -19.97 -25.33 -4.59
N HIS B 293 -18.76 -25.45 -5.13
CA HIS B 293 -18.49 -25.03 -6.51
C HIS B 293 -17.83 -26.14 -7.34
N PRO B 294 -18.64 -27.13 -7.81
CA PRO B 294 -18.10 -28.18 -8.69
C PRO B 294 -17.59 -27.65 -10.03
N GLU B 295 -17.99 -26.43 -10.39
CA GLU B 295 -17.62 -25.81 -11.66
C GLU B 295 -16.26 -25.11 -11.62
N TRP B 296 -15.83 -24.74 -10.41
CA TRP B 296 -14.57 -24.02 -10.20
C TRP B 296 -13.34 -24.83 -10.53
N GLY B 297 -12.34 -24.19 -11.14
CA GLY B 297 -11.07 -24.84 -11.42
C GLY B 297 -10.10 -24.77 -10.25
N ASP B 298 -8.92 -25.35 -10.45
CA ASP B 298 -7.87 -25.40 -9.43
C ASP B 298 -7.46 -24.01 -8.91
N GLU B 299 -7.19 -23.08 -9.83
CA GLU B 299 -6.68 -21.77 -9.44
C GLU B 299 -7.62 -21.04 -8.48
N GLN B 300 -8.91 -20.96 -8.83
CA GLN B 300 -9.88 -20.26 -7.97
C GLN B 300 -10.01 -20.97 -6.62
N LEU B 301 -10.12 -22.30 -6.64
CA LEU B 301 -10.16 -23.07 -5.41
C LEU B 301 -9.01 -22.70 -4.48
N PHE B 302 -7.77 -22.72 -5.01
CA PHE B 302 -6.61 -22.38 -4.22
C PHE B 302 -6.71 -20.96 -3.69
N GLN B 303 -6.98 -20.02 -4.59
CA GLN B 303 -6.99 -18.59 -4.27
C GLN B 303 -7.99 -18.24 -3.17
N THR B 304 -9.22 -18.73 -3.29
CA THR B 304 -10.25 -18.40 -2.31
C THR B 304 -10.05 -19.14 -0.99
N SER B 305 -9.44 -20.33 -1.03
CA SER B 305 -9.00 -21.01 0.19
C SER B 305 -7.96 -20.20 0.95
N ARG B 306 -6.99 -19.66 0.23
CA ARG B 306 -6.01 -18.75 0.83
C ARG B 306 -6.71 -17.58 1.53
N LEU B 307 -7.67 -16.96 0.86
CA LEU B 307 -8.41 -15.83 1.43
C LEU B 307 -9.18 -16.23 2.69
N ILE B 308 -9.76 -17.42 2.68
CA ILE B 308 -10.44 -17.96 3.85
C ILE B 308 -9.45 -18.16 5.02
N LEU B 309 -8.31 -18.81 4.75
CA LEU B 309 -7.34 -19.06 5.81
C LEU B 309 -6.72 -17.77 6.38
N ILE B 310 -6.59 -16.76 5.55
CA ILE B 310 -6.19 -15.43 6.02
C ILE B 310 -7.23 -14.92 7.03
N GLY B 311 -8.50 -15.05 6.66
CA GLY B 311 -9.61 -14.68 7.54
C GLY B 311 -9.64 -15.45 8.84
N GLU B 312 -9.50 -16.78 8.74
CA GLU B 312 -9.46 -17.66 9.91
C GLU B 312 -8.35 -17.23 10.86
N THR B 313 -7.19 -16.92 10.30
CA THR B 313 -6.01 -16.55 11.08
C THR B 313 -6.30 -15.30 11.89
N ILE B 314 -6.80 -14.26 11.22
CA ILE B 314 -7.13 -13.00 11.88
C ILE B 314 -8.20 -13.21 12.95
N LYS B 315 -9.20 -14.04 12.64
CA LYS B 315 -10.24 -14.39 13.60
C LYS B 315 -9.65 -15.04 14.86
N ILE B 316 -8.79 -16.04 14.67
CA ILE B 316 -8.16 -16.75 15.78
C ILE B 316 -7.20 -15.85 16.56
N VAL B 317 -6.45 -15.01 15.85
CA VAL B 317 -5.49 -14.12 16.52
C VAL B 317 -6.20 -13.13 17.45
N ILE B 318 -7.34 -12.60 17.01
CA ILE B 318 -8.07 -11.62 17.82
C ILE B 318 -8.87 -12.27 18.94
N GLU B 319 -9.65 -13.29 18.62
CA GLU B 319 -10.64 -13.84 19.56
C GLU B 319 -10.14 -14.98 20.45
N ASP B 320 -8.96 -15.52 20.14
CA ASP B 320 -8.33 -16.52 21.01
C ASP B 320 -6.98 -16.05 21.51
N TYR B 321 -6.10 -15.70 20.58
CA TYR B 321 -4.70 -15.37 20.89
C TYR B 321 -4.57 -14.07 21.67
N VAL B 322 -5.03 -12.96 21.09
CA VAL B 322 -5.00 -11.68 21.80
C VAL B 322 -5.93 -11.69 23.02
N GLN B 323 -7.11 -12.28 22.87
CA GLN B 323 -8.05 -12.45 23.98
C GLN B 323 -7.34 -13.01 25.20
N HIS B 324 -6.65 -14.14 25.02
CA HIS B 324 -5.90 -14.78 26.09
C HIS B 324 -4.83 -13.85 26.70
N LEU B 325 -4.02 -13.24 25.83
CA LEU B 325 -2.98 -12.30 26.25
C LEU B 325 -3.53 -11.17 27.10
N SER B 326 -4.57 -10.52 26.58
CA SER B 326 -5.17 -9.36 27.22
C SER B 326 -5.52 -9.63 28.67
N GLY B 327 -6.09 -10.81 28.92
CA GLY B 327 -6.57 -11.18 30.24
C GLY B 327 -7.88 -10.50 30.59
N TYR B 328 -8.50 -9.86 29.59
CA TYR B 328 -9.76 -9.15 29.78
C TYR B 328 -10.91 -10.10 30.03
N HIS B 329 -11.90 -9.63 30.79
CA HIS B 329 -13.17 -10.33 30.93
C HIS B 329 -14.05 -10.04 29.72
N PHE B 330 -13.79 -8.91 29.07
CA PHE B 330 -14.48 -8.50 27.86
C PHE B 330 -14.10 -9.38 26.67
N LYS B 331 -15.11 -9.88 25.97
CA LYS B 331 -14.87 -10.73 24.79
C LYS B 331 -14.60 -9.88 23.55
N LEU B 332 -13.35 -9.93 23.10
CA LEU B 332 -12.95 -9.24 21.87
C LEU B 332 -13.68 -9.83 20.68
N LYS B 333 -13.85 -9.03 19.64
CA LYS B 333 -14.58 -9.44 18.46
C LYS B 333 -13.81 -9.08 17.20
N PHE B 334 -13.70 -10.04 16.29
CA PHE B 334 -13.23 -9.74 14.94
C PHE B 334 -14.44 -9.39 14.10
N ASP B 335 -14.57 -8.09 13.81
CA ASP B 335 -15.66 -7.59 12.97
C ASP B 335 -15.22 -6.34 12.19
N PRO B 336 -14.85 -6.52 10.91
CA PRO B 336 -14.44 -5.42 10.04
C PRO B 336 -15.51 -4.33 9.87
N GLU B 337 -16.78 -4.71 9.95
CA GLU B 337 -17.89 -3.76 9.84
C GLU B 337 -17.84 -2.61 10.85
N LEU B 338 -17.11 -2.82 11.95
CA LEU B 338 -16.96 -1.80 12.99
C LEU B 338 -16.17 -0.58 12.53
N LEU B 339 -15.27 -0.78 11.57
CA LEU B 339 -14.41 0.29 11.07
C LEU B 339 -14.93 0.99 9.80
N PHE B 340 -16.07 0.53 9.28
CA PHE B 340 -16.61 1.05 8.01
C PHE B 340 -17.09 2.50 8.08
N ASN B 341 -17.43 2.97 9.27
CA ASN B 341 -17.80 4.38 9.48
C ASN B 341 -16.72 5.16 10.23
N GLN B 342 -15.48 4.69 10.11
CA GLN B 342 -14.33 5.26 10.80
C GLN B 342 -13.19 5.55 9.83
N GLN B 343 -12.34 6.51 10.18
CA GLN B 343 -11.12 6.77 9.42
C GLN B 343 -10.07 5.71 9.77
N PHE B 344 -9.73 4.89 8.79
CA PHE B 344 -8.79 3.79 8.99
C PHE B 344 -8.09 3.41 7.69
N GLN B 345 -6.78 3.22 7.75
CA GLN B 345 -6.01 2.89 6.56
C GLN B 345 -5.83 1.38 6.42
N TYR B 346 -6.37 0.82 5.35
CA TYR B 346 -6.22 -0.61 5.09
C TYR B 346 -4.89 -0.89 4.43
N GLN B 347 -3.83 -0.67 5.21
CA GLN B 347 -2.46 -0.93 4.79
C GLN B 347 -1.59 -1.07 6.01
N ASN B 348 -0.50 -1.81 5.88
CA ASN B 348 0.42 -2.00 6.99
C ASN B 348 1.87 -2.04 6.54
N ARG B 349 2.77 -1.62 7.43
CA ARG B 349 4.20 -1.77 7.23
C ARG B 349 4.77 -2.21 8.57
N ILE B 350 5.40 -3.39 8.58
CA ILE B 350 5.95 -3.95 9.82
C ILE B 350 7.05 -3.05 10.38
N ALA B 351 6.88 -2.66 11.64
CA ALA B 351 7.83 -1.81 12.33
C ALA B 351 8.94 -2.65 12.94
N SER B 352 10.17 -2.14 12.87
CA SER B 352 11.32 -2.80 13.47
C SER B 352 11.15 -3.00 14.98
N GLU B 353 10.55 -2.02 15.64
CA GLU B 353 10.32 -2.09 17.08
C GLU B 353 9.29 -3.13 17.46
N PHE B 354 8.32 -3.36 16.57
CA PHE B 354 7.33 -4.41 16.74
C PHE B 354 8.01 -5.78 16.73
N ASN B 355 8.94 -5.96 15.79
CA ASN B 355 9.78 -7.16 15.74
C ASN B 355 10.55 -7.34 17.05
N THR B 356 11.21 -6.28 17.50
CA THR B 356 12.05 -6.30 18.71
C THR B 356 11.26 -6.68 19.97
N LEU B 357 10.12 -6.02 20.19
CA LEU B 357 9.28 -6.32 21.35
C LEU B 357 8.69 -7.73 21.31
N TYR B 358 8.75 -8.37 20.15
CA TYR B 358 8.14 -9.69 19.98
C TYR B 358 9.14 -10.82 20.19
N HIS B 359 10.36 -10.47 20.58
CA HIS B 359 11.36 -11.48 20.93
C HIS B 359 11.07 -12.03 22.34
N TRP B 360 10.00 -12.83 22.43
CA TRP B 360 9.51 -13.34 23.70
C TRP B 360 10.19 -14.65 24.06
N HIS B 361 11.51 -14.63 24.15
CA HIS B 361 12.22 -15.85 24.44
CA HIS B 361 12.34 -15.81 24.49
C HIS B 361 11.98 -16.40 25.85
N PRO B 362 11.62 -15.51 26.82
CA PRO B 362 11.26 -16.06 28.13
C PRO B 362 10.06 -17.01 28.13
N LEU B 363 9.29 -17.06 27.04
CA LEU B 363 8.19 -18.02 26.91
C LEU B 363 8.68 -19.46 26.89
N LEU B 364 9.89 -19.65 26.35
CA LEU B 364 10.43 -20.99 26.14
C LEU B 364 10.73 -21.69 27.46
N PRO B 365 10.34 -22.98 27.57
CA PRO B 365 10.60 -23.78 28.77
C PRO B 365 12.02 -24.34 28.78
N ASP B 366 12.41 -24.98 29.87
CA ASP B 366 13.71 -25.62 29.98
C ASP B 366 13.79 -26.86 29.10
N THR B 367 12.71 -27.65 29.11
CA THR B 367 12.59 -28.83 28.29
C THR B 367 11.20 -28.86 27.65
N PHE B 368 11.06 -29.62 26.57
CA PHE B 368 9.78 -29.75 25.87
C PHE B 368 9.18 -31.11 26.19
N ASN B 369 8.09 -31.09 26.95
CA ASN B 369 7.49 -32.31 27.50
C ASN B 369 6.41 -32.90 26.59
N ILE B 370 6.69 -34.07 26.01
CA ILE B 370 5.76 -34.74 25.11
C ILE B 370 5.55 -36.21 25.53
N GLU B 371 4.35 -36.52 25.99
CA GLU B 371 4.01 -37.81 26.61
C GLU B 371 4.84 -38.05 27.87
N ASP B 372 5.80 -38.97 27.77
CA ASP B 372 6.67 -39.30 28.89
C ASP B 372 8.07 -38.71 28.70
N GLN B 373 8.29 -38.10 27.54
CA GLN B 373 9.61 -37.61 27.17
C GLN B 373 9.77 -36.13 27.47
N GLU B 374 10.90 -35.77 28.08
CA GLU B 374 11.30 -34.37 28.20
C GLU B 374 12.54 -34.12 27.34
N TYR B 375 12.34 -33.34 26.27
CA TYR B 375 13.40 -33.09 25.30
C TYR B 375 14.11 -31.79 25.61
N SER B 376 15.44 -31.85 25.61
CA SER B 376 16.26 -30.64 25.75
C SER B 376 16.26 -29.89 24.42
N PHE B 377 16.75 -28.64 24.46
CA PHE B 377 16.86 -27.82 23.25
C PHE B 377 17.65 -28.49 22.14
N LYS B 378 18.79 -29.08 22.51
CA LYS B 378 19.64 -29.83 21.58
C LYS B 378 18.86 -30.99 20.94
N GLN B 379 18.09 -31.71 21.77
CA GLN B 379 17.27 -32.83 21.33
C GLN B 379 16.07 -32.40 20.48
N PHE B 380 15.57 -31.19 20.74
CA PHE B 380 14.36 -30.70 20.06
C PHE B 380 14.65 -30.05 18.71
N LEU B 381 15.69 -29.21 18.68
CA LEU B 381 16.09 -28.48 17.47
C LEU B 381 16.33 -29.36 16.26
N TYR B 382 15.62 -29.04 15.17
CA TYR B 382 15.78 -29.69 13.87
C TYR B 382 15.39 -31.16 13.85
N ASN B 383 14.49 -31.54 14.73
CA ASN B 383 14.18 -32.95 14.94
C ASN B 383 12.71 -33.31 14.70
N ASN B 384 12.34 -33.40 13.42
CA ASN B 384 10.97 -33.77 13.04
C ASN B 384 10.62 -35.25 13.23
N SER B 385 11.62 -36.05 13.62
CA SER B 385 11.39 -37.43 14.04
C SER B 385 10.50 -37.46 15.27
N ILE B 386 10.71 -36.50 16.17
CA ILE B 386 9.89 -36.33 17.37
C ILE B 386 8.42 -36.18 17.00
N LEU B 387 8.16 -35.39 15.95
CA LEU B 387 6.80 -35.16 15.47
C LEU B 387 6.14 -36.45 14.98
N LEU B 388 6.87 -37.21 14.17
CA LEU B 388 6.33 -38.43 13.57
C LEU B 388 6.14 -39.55 14.60
N GLU B 389 7.05 -39.62 15.57
CA GLU B 389 7.02 -40.67 16.59
C GLU B 389 5.79 -40.52 17.49
N HIS B 390 5.52 -39.29 17.91
CA HIS B 390 4.43 -39.00 18.83
C HIS B 390 3.10 -38.75 18.11
N GLY B 391 3.16 -38.12 16.94
CA GLY B 391 1.97 -37.71 16.20
C GLY B 391 1.44 -36.37 16.66
N LEU B 392 0.64 -35.73 15.80
CA LEU B 392 0.07 -34.43 16.13
C LEU B 392 -0.92 -34.45 17.29
N THR B 393 -1.63 -35.57 17.45
CA THR B 393 -2.61 -35.69 18.53
C THR B 393 -1.91 -35.56 19.89
N GLN B 394 -0.81 -36.31 20.07
CA GLN B 394 -0.01 -36.23 21.29
C GLN B 394 0.70 -34.89 21.45
N PHE B 395 1.07 -34.26 20.35
CA PHE B 395 1.68 -32.93 20.38
C PHE B 395 0.70 -31.88 20.95
N VAL B 396 -0.52 -31.87 20.43
CA VAL B 396 -1.57 -30.98 20.94
C VAL B 396 -1.86 -31.26 22.41
N GLU B 397 -2.05 -32.52 22.76
CA GLU B 397 -2.32 -32.90 24.15
C GLU B 397 -1.21 -32.45 25.10
N SER B 398 0.03 -32.78 24.76
CA SER B 398 1.21 -32.42 25.55
C SER B 398 1.47 -30.92 25.65
N PHE B 399 1.37 -30.21 24.53
CA PHE B 399 1.65 -28.79 24.50
C PHE B 399 0.53 -27.93 25.11
N THR B 400 -0.70 -28.42 25.01
CA THR B 400 -1.85 -27.76 25.63
C THR B 400 -1.68 -27.72 27.15
N ARG B 401 -0.99 -28.71 27.71
CA ARG B 401 -0.87 -28.83 29.16
C ARG B 401 0.48 -28.36 29.75
N GLN B 402 1.47 -28.09 28.90
CA GLN B 402 2.76 -27.57 29.38
C GLN B 402 2.77 -26.05 29.46
N ILE B 403 3.17 -25.52 30.62
CA ILE B 403 3.13 -24.08 30.89
C ILE B 403 4.35 -23.32 30.32
N ALA B 404 4.10 -22.11 29.84
CA ALA B 404 5.12 -21.22 29.31
C ALA B 404 5.72 -20.35 30.41
N GLY B 405 6.84 -19.72 30.12
CA GLY B 405 7.48 -18.80 31.06
C GLY B 405 6.89 -17.41 31.00
N ARG B 406 7.03 -16.65 32.08
CA ARG B 406 6.58 -15.26 32.09
C ARG B 406 7.60 -14.39 31.35
N VAL B 407 7.11 -13.52 30.47
CA VAL B 407 7.98 -12.71 29.60
C VAL B 407 8.57 -11.51 30.35
N ALA B 408 7.71 -10.76 31.04
CA ALA B 408 8.15 -9.64 31.86
C ALA B 408 8.58 -10.14 33.24
N GLY B 409 9.04 -9.21 34.08
CA GLY B 409 9.39 -9.55 35.47
C GLY B 409 10.85 -9.87 35.68
N GLY B 410 11.61 -10.00 34.59
CA GLY B 410 13.05 -10.18 34.66
C GLY B 410 13.54 -11.61 34.82
N ARG B 411 14.80 -11.83 34.45
CA ARG B 411 15.51 -13.09 34.68
C ARG B 411 14.76 -14.35 34.29
N ASN B 412 14.38 -14.46 33.02
CA ASN B 412 13.65 -15.64 32.55
C ASN B 412 13.98 -16.10 31.12
N VAL B 413 15.06 -15.58 30.54
CA VAL B 413 15.51 -16.06 29.23
C VAL B 413 16.28 -17.36 29.42
N PRO B 414 15.85 -18.46 28.77
CA PRO B 414 16.57 -19.72 28.86
C PRO B 414 18.02 -19.56 28.37
N ILE B 415 18.95 -20.21 29.07
CA ILE B 415 20.38 -20.16 28.72
C ILE B 415 20.64 -20.69 27.30
N ALA B 416 19.86 -21.69 26.90
CA ALA B 416 20.02 -22.31 25.59
C ALA B 416 19.93 -21.30 24.44
N VAL B 417 19.12 -20.26 24.62
CA VAL B 417 18.97 -19.21 23.61
C VAL B 417 19.63 -17.89 24.00
N GLN B 418 20.67 -17.95 24.84
CA GLN B 418 21.31 -16.74 25.33
C GLN B 418 21.94 -15.87 24.23
N ALA B 419 22.48 -16.51 23.19
CA ALA B 419 23.11 -15.78 22.08
C ALA B 419 22.07 -15.00 21.27
N VAL B 420 20.84 -15.50 21.27
CA VAL B 420 19.73 -14.84 20.58
C VAL B 420 19.30 -13.59 21.35
N ALA B 421 19.19 -13.72 22.67
CA ALA B 421 18.80 -12.59 23.52
C ALA B 421 19.84 -11.47 23.46
N LYS B 422 21.11 -11.86 23.41
CA LYS B 422 22.21 -10.92 23.25
C LYS B 422 22.12 -10.18 21.91
N ALA B 423 21.74 -10.92 20.88
CA ALA B 423 21.63 -10.38 19.51
C ALA B 423 20.56 -9.31 19.41
N SER B 424 19.47 -9.48 20.15
CA SER B 424 18.37 -8.50 20.18
C SER B 424 18.85 -7.17 20.74
N ILE B 425 19.70 -7.23 21.75
CA ILE B 425 20.27 -6.03 22.35
C ILE B 425 21.29 -5.41 21.38
N ASP B 426 22.17 -6.24 20.84
CA ASP B 426 23.20 -5.79 19.90
C ASP B 426 22.62 -5.21 18.60
N GLN B 427 21.56 -5.85 18.10
CA GLN B 427 20.95 -5.40 16.85
C GLN B 427 20.10 -4.14 17.04
N SER B 428 19.45 -3.99 18.18
CA SER B 428 18.80 -2.73 18.56
C SER B 428 19.80 -1.59 18.55
N ARG B 429 21.00 -1.85 19.04
CA ARG B 429 22.07 -0.86 19.12
C ARG B 429 22.61 -0.46 17.76
N GLU B 430 22.86 -1.44 16.88
CA GLU B 430 23.35 -1.10 15.54
C GLU B 430 22.28 -0.44 14.68
N MET B 431 21.02 -0.78 14.96
CA MET B 431 19.87 -0.13 14.32
C MET B 431 19.59 1.22 14.95
N LYS B 432 20.45 1.64 15.88
CA LYS B 432 20.42 2.95 16.51
C LYS B 432 19.07 3.30 17.16
N TYR B 433 18.49 2.33 17.86
CA TYR B 433 17.23 2.52 18.59
C TYR B 433 17.32 3.64 19.65
N GLN B 434 16.23 4.38 19.81
CA GLN B 434 16.12 5.35 20.89
C GLN B 434 15.81 4.65 22.21
N SER B 435 15.97 5.38 23.31
CA SER B 435 15.83 4.82 24.66
C SER B 435 14.39 4.42 25.00
N LEU B 436 14.24 3.60 26.05
CA LEU B 436 12.92 3.18 26.53
C LEU B 436 11.97 4.35 26.79
N ASN B 437 12.45 5.33 27.54
CA ASN B 437 11.63 6.49 27.89
C ASN B 437 11.18 7.31 26.69
N GLU B 438 11.96 7.28 25.61
CA GLU B 438 11.58 7.95 24.37
C GLU B 438 10.44 7.21 23.68
N TYR B 439 10.50 5.88 23.68
CA TYR B 439 9.43 5.05 23.14
C TYR B 439 8.15 5.11 23.97
N ARG B 440 8.32 5.23 25.29
CA ARG B 440 7.19 5.40 26.19
C ARG B 440 6.43 6.70 25.92
N LYS B 441 7.16 7.79 25.72
CA LYS B 441 6.55 9.08 25.34
C LYS B 441 5.85 8.98 23.98
N ARG B 442 6.53 8.33 23.04
CA ARG B 442 6.03 8.12 21.68
C ARG B 442 4.66 7.45 21.69
N PHE B 443 4.39 6.67 22.74
CA PHE B 443 3.13 5.93 22.84
C PHE B 443 2.21 6.42 23.96
N SER B 444 2.32 7.72 24.28
CA SER B 444 1.45 8.40 25.25
C SER B 444 1.56 7.85 26.67
N LEU B 445 2.77 7.45 27.06
CA LEU B 445 3.03 6.91 28.39
C LEU B 445 4.01 7.80 29.14
N LYS B 446 3.86 7.87 30.46
CA LYS B 446 4.76 8.66 31.30
C LYS B 446 6.13 7.99 31.40
N PRO B 447 7.21 8.76 31.14
CA PRO B 447 8.57 8.22 31.27
C PRO B 447 8.89 7.80 32.70
N TYR B 448 9.54 6.64 32.85
CA TYR B 448 9.98 6.15 34.15
C TYR B 448 11.03 7.09 34.75
N THR B 449 10.84 7.44 36.02
CA THR B 449 11.72 8.39 36.70
C THR B 449 12.88 7.72 37.43
N SER B 450 12.80 6.40 37.55
CA SER B 450 13.83 5.60 38.22
C SER B 450 13.80 4.15 37.71
N PHE B 451 14.87 3.41 37.99
CA PHE B 451 14.92 1.98 37.65
C PHE B 451 14.01 1.14 38.54
N GLU B 452 13.79 1.63 39.77
CA GLU B 452 12.88 0.97 40.71
C GLU B 452 11.42 1.12 40.27
N GLU B 453 11.09 2.22 39.61
CA GLU B 453 9.76 2.41 39.06
C GLU B 453 9.54 1.45 37.88
N LEU B 454 10.61 1.20 37.12
CA LEU B 454 10.57 0.28 35.98
C LEU B 454 10.32 -1.17 36.40
N THR B 455 10.98 -1.61 37.48
CA THR B 455 10.92 -3.01 37.91
C THR B 455 9.89 -3.30 38.99
N GLY B 456 9.62 -2.31 39.85
CA GLY B 456 8.74 -2.48 41.00
C GLY B 456 9.40 -3.30 42.09
N GLU B 457 10.73 -3.34 42.03
CA GLU B 457 11.55 -4.25 42.83
C GLU B 457 12.94 -3.60 43.01
N LYS B 458 13.67 -4.02 44.04
CA LYS B 458 14.92 -3.34 44.41
C LYS B 458 16.20 -3.92 43.80
N GLU B 459 16.30 -5.25 43.75
CA GLU B 459 17.56 -5.95 43.42
C GLU B 459 18.05 -5.71 41.99
N MET B 460 17.17 -5.92 41.01
CA MET B 460 17.52 -5.74 39.60
C MET B 460 17.74 -4.27 39.29
N ALA B 461 16.90 -3.41 39.85
CA ALA B 461 16.97 -1.98 39.66
C ALA B 461 18.34 -1.42 40.04
N ALA B 462 18.95 -2.02 41.07
CA ALA B 462 20.30 -1.65 41.50
C ALA B 462 21.34 -2.07 40.46
N GLU B 463 21.19 -3.29 39.94
CA GLU B 463 22.10 -3.84 38.93
C GLU B 463 22.05 -3.00 37.65
N LEU B 464 20.85 -2.54 37.31
CA LEU B 464 20.63 -1.75 36.11
C LEU B 464 21.24 -0.35 36.20
N LYS B 465 21.09 0.31 37.35
CA LYS B 465 21.65 1.64 37.56
C LYS B 465 23.17 1.64 37.52
N ALA B 466 23.77 0.56 38.02
CA ALA B 466 25.22 0.41 38.03
C ALA B 466 25.79 0.26 36.62
N LEU B 467 24.91 -0.05 35.68
CA LEU B 467 25.28 -0.26 34.27
C LEU B 467 24.93 0.92 33.36
N TYR B 468 23.74 1.48 33.55
CA TYR B 468 23.21 2.52 32.66
C TYR B 468 23.38 3.94 33.20
N SER B 469 23.48 4.09 34.52
CA SER B 469 23.67 5.38 35.20
C SER B 469 22.46 6.31 35.21
N ASP B 470 21.73 6.36 34.10
CA ASP B 470 20.56 7.21 33.97
C ASP B 470 19.37 6.41 33.45
N ILE B 471 18.20 6.62 34.04
CA ILE B 471 16.95 5.96 33.61
C ILE B 471 16.58 6.33 32.16
N ASP B 472 16.97 7.53 31.74
CA ASP B 472 16.63 8.03 30.40
C ASP B 472 17.51 7.44 29.28
N VAL B 473 18.41 6.53 29.63
CA VAL B 473 19.23 5.82 28.62
C VAL B 473 19.02 4.31 28.63
N MET B 474 18.04 3.85 29.41
CA MET B 474 17.65 2.44 29.44
C MET B 474 17.14 2.03 28.06
N GLU B 475 17.61 0.90 27.57
CA GLU B 475 17.25 0.42 26.22
C GLU B 475 15.87 -0.21 26.24
N LEU B 476 15.24 -0.28 25.08
CA LEU B 476 13.84 -0.72 25.00
C LEU B 476 13.67 -2.22 25.23
N TYR B 477 14.49 -3.04 24.57
CA TYR B 477 14.34 -4.49 24.64
C TYR B 477 14.58 -5.11 26.03
N PRO B 478 15.72 -4.78 26.68
CA PRO B 478 15.91 -5.38 28.00
C PRO B 478 14.88 -4.88 29.00
N ALA B 479 14.38 -3.67 28.77
CA ALA B 479 13.38 -3.05 29.65
C ALA B 479 12.06 -3.81 29.65
N LEU B 480 11.67 -4.32 28.48
CA LEU B 480 10.42 -5.07 28.32
C LEU B 480 10.44 -6.39 29.10
N LEU B 481 11.62 -7.00 29.17
CA LEU B 481 11.76 -8.28 29.82
C LEU B 481 11.95 -8.19 31.33
N VAL B 482 12.34 -7.00 31.82
CA VAL B 482 12.52 -6.78 33.26
C VAL B 482 11.40 -5.95 33.89
N GLU B 483 10.51 -5.44 33.06
CA GLU B 483 9.45 -4.52 33.48
C GLU B 483 8.55 -5.11 34.55
N LYS B 484 8.13 -4.27 35.50
CA LYS B 484 7.10 -4.63 36.45
C LYS B 484 5.90 -5.11 35.65
N PRO B 485 5.50 -6.38 35.86
CA PRO B 485 4.32 -6.87 35.15
C PRO B 485 3.05 -6.32 35.78
N ARG B 486 1.97 -6.27 34.99
CA ARG B 486 0.64 -6.02 35.54
C ARG B 486 0.31 -7.17 36.51
N PRO B 487 -0.62 -6.94 37.47
CA PRO B 487 -0.91 -7.94 38.51
C PRO B 487 -1.24 -9.31 37.92
N ASP B 488 -0.44 -10.31 38.28
CA ASP B 488 -0.58 -11.70 37.79
C ASP B 488 -0.59 -11.82 36.27
N ALA B 489 0.05 -10.88 35.60
CA ALA B 489 0.06 -10.82 34.13
C ALA B 489 1.42 -11.18 33.54
N ILE B 490 1.38 -11.61 32.28
CA ILE B 490 2.58 -12.02 31.55
C ILE B 490 3.46 -10.84 31.13
N PHE B 491 2.83 -9.71 30.80
CA PHE B 491 3.55 -8.53 30.32
C PHE B 491 3.39 -7.33 31.24
N GLY B 492 4.30 -6.36 31.08
CA GLY B 492 4.21 -5.07 31.74
C GLY B 492 3.51 -4.05 30.84
N GLU B 493 3.52 -2.79 31.29
CA GLU B 493 2.83 -1.70 30.62
C GLU B 493 3.34 -1.41 29.21
N THR B 494 4.66 -1.29 29.06
CA THR B 494 5.29 -0.89 27.79
C THR B 494 4.99 -1.89 26.68
N MET B 495 5.13 -3.18 26.99
CA MET B 495 4.90 -4.25 26.03
C MET B 495 3.51 -4.16 25.42
N VAL B 496 2.50 -4.04 26.27
CA VAL B 496 1.11 -3.99 25.81
C VAL B 496 0.81 -2.73 25.01
N GLU B 497 1.23 -1.57 25.53
CA GLU B 497 0.87 -0.29 24.93
C GLU B 497 1.62 -0.01 23.63
N LEU B 498 2.68 -0.77 23.40
CA LEU B 498 3.39 -0.73 22.12
C LEU B 498 2.91 -1.86 21.22
N GLY B 499 2.76 -3.04 21.80
CA GLY B 499 2.34 -4.23 21.06
C GLY B 499 0.93 -4.14 20.48
N ALA B 500 -0.02 -3.72 21.31
CA ALA B 500 -1.42 -3.69 20.91
C ALA B 500 -1.73 -2.84 19.66
N PRO B 501 -1.21 -1.59 19.59
CA PRO B 501 -1.45 -0.80 18.38
C PRO B 501 -0.80 -1.39 17.11
N PHE B 502 0.42 -1.90 17.21
CA PHE B 502 1.07 -2.54 16.07
C PHE B 502 0.27 -3.75 15.59
N SER B 503 -0.27 -4.50 16.56
CA SER B 503 -1.02 -5.71 16.30
CA SER B 503 -1.02 -5.71 16.30
C SER B 503 -2.32 -5.45 15.56
N LEU B 504 -3.21 -4.67 16.19
CA LEU B 504 -4.53 -4.39 15.63
C LEU B 504 -4.44 -3.77 14.24
N LYS B 505 -3.47 -2.88 14.05
CA LYS B 505 -3.20 -2.30 12.75
C LYS B 505 -2.81 -3.37 11.73
N GLY B 506 -1.94 -4.29 12.12
CA GLY B 506 -1.55 -5.38 11.24
C GLY B 506 -2.70 -6.28 10.85
N LEU B 507 -3.60 -6.53 11.78
CA LEU B 507 -4.74 -7.42 11.56
C LEU B 507 -5.88 -6.76 10.79
N MET B 508 -6.36 -5.62 11.27
CA MET B 508 -7.47 -4.91 10.64
C MET B 508 -7.08 -4.22 9.33
N GLY B 509 -5.80 -3.85 9.21
CA GLY B 509 -5.28 -3.21 8.00
C GLY B 509 -5.16 -4.14 6.81
N ASN B 510 -5.47 -5.41 6.99
CA ASN B 510 -5.49 -6.38 5.90
C ASN B 510 -6.61 -6.04 4.92
N PRO B 511 -6.35 -6.16 3.60
CA PRO B 511 -7.35 -5.80 2.58
C PRO B 511 -8.63 -6.62 2.65
N ILE B 512 -8.60 -7.80 3.27
CA ILE B 512 -9.82 -8.62 3.39
C ILE B 512 -10.81 -8.02 4.40
N CYS B 513 -10.34 -7.08 5.20
CA CYS B 513 -11.17 -6.37 6.16
C CYS B 513 -11.78 -5.09 5.56
N SER B 514 -11.37 -4.74 4.35
CA SER B 514 -11.89 -3.57 3.66
C SER B 514 -13.32 -3.84 3.14
N PRO B 515 -14.17 -2.80 3.04
CA PRO B 515 -15.56 -2.97 2.61
C PRO B 515 -15.75 -3.72 1.30
N GLN B 516 -14.82 -3.58 0.34
CA GLN B 516 -14.98 -4.23 -0.95
C GLN B 516 -14.60 -5.71 -0.95
N TYR B 517 -13.92 -6.15 0.10
CA TYR B 517 -13.55 -7.55 0.27
C TYR B 517 -14.43 -8.28 1.29
N TRP B 518 -14.91 -7.55 2.30
CA TRP B 518 -15.66 -8.18 3.39
C TRP B 518 -17.09 -8.51 2.96
N LYS B 519 -17.17 -9.47 2.04
CA LYS B 519 -18.43 -9.91 1.42
C LYS B 519 -18.37 -11.43 1.31
N PRO B 520 -19.54 -12.11 1.39
CA PRO B 520 -19.58 -13.57 1.19
C PRO B 520 -18.98 -14.02 -0.15
N SER B 521 -19.16 -13.23 -1.20
CA SER B 521 -18.65 -13.57 -2.54
C SER B 521 -17.13 -13.69 -2.60
N THR B 522 -16.41 -12.89 -1.81
CA THR B 522 -14.95 -12.96 -1.73
C THR B 522 -14.49 -14.36 -1.34
N PHE B 523 -15.30 -15.06 -0.55
CA PHE B 523 -14.90 -16.34 0.04
C PHE B 523 -15.73 -17.52 -0.49
N GLY B 524 -16.35 -17.34 -1.65
CA GLY B 524 -17.09 -18.41 -2.32
C GLY B 524 -18.51 -18.59 -1.82
N GLY B 525 -19.07 -17.57 -1.19
CA GLY B 525 -20.45 -17.63 -0.70
C GLY B 525 -20.54 -17.61 0.81
N GLU B 526 -21.75 -17.84 1.31
CA GLU B 526 -22.02 -17.78 2.75
C GLU B 526 -21.31 -18.86 3.57
N VAL B 527 -21.12 -20.03 2.98
CA VAL B 527 -20.45 -21.15 3.65
C VAL B 527 -18.97 -20.83 3.90
N GLY B 528 -18.31 -20.29 2.88
CA GLY B 528 -16.91 -19.87 3.02
C GLY B 528 -16.74 -18.76 4.04
N PHE B 529 -17.71 -17.85 4.07
CA PHE B 529 -17.71 -16.70 4.96
C PHE B 529 -17.94 -17.14 6.40
N LYS B 530 -18.78 -18.15 6.59
CA LYS B 530 -19.05 -18.73 7.91
C LYS B 530 -17.80 -19.39 8.51
N ILE B 531 -16.97 -20.00 7.65
CA ILE B 531 -15.72 -20.62 8.09
C ILE B 531 -14.78 -19.60 8.75
N ILE B 532 -14.70 -18.40 8.18
CA ILE B 532 -13.95 -17.32 8.79
C ILE B 532 -14.56 -16.90 10.13
N ASN B 533 -15.86 -16.63 10.13
CA ASN B 533 -16.54 -16.05 11.29
C ASN B 533 -16.79 -16.98 12.48
N THR B 534 -16.55 -18.28 12.28
CA THR B 534 -16.72 -19.28 13.33
C THR B 534 -15.41 -19.99 13.66
N ALA B 535 -14.31 -19.46 13.13
CA ALA B 535 -12.98 -20.02 13.37
C ALA B 535 -12.53 -19.80 14.81
N SER B 536 -11.75 -20.76 15.31
CA SER B 536 -11.23 -20.74 16.67
C SER B 536 -10.02 -21.65 16.71
N ILE B 537 -9.18 -21.49 17.73
CA ILE B 537 -8.03 -22.39 17.89
C ILE B 537 -8.47 -23.85 18.07
N GLN B 538 -9.60 -24.05 18.75
CA GLN B 538 -10.10 -25.42 18.97
C GLN B 538 -10.58 -26.08 17.68
N SER B 539 -11.41 -25.39 16.91
CA SER B 539 -11.91 -25.92 15.65
C SER B 539 -10.76 -26.25 14.68
N LEU B 540 -9.78 -25.36 14.63
CA LEU B 540 -8.59 -25.58 13.81
C LEU B 540 -7.95 -26.92 14.12
N ILE B 541 -7.79 -27.20 15.41
CA ILE B 541 -7.26 -28.48 15.87
C ILE B 541 -8.27 -29.61 15.65
N CYS B 542 -9.51 -29.39 16.07
CA CYS B 542 -10.56 -30.41 15.98
C CYS B 542 -10.79 -30.92 14.55
N ASN B 543 -10.78 -30.00 13.59
CA ASN B 543 -11.02 -30.33 12.18
C ASN B 543 -9.86 -31.05 11.48
N ASN B 544 -8.65 -30.89 12.01
CA ASN B 544 -7.44 -31.32 11.30
C ASN B 544 -6.54 -32.29 12.06
N VAL B 545 -6.89 -32.60 13.30
CA VAL B 545 -6.07 -33.49 14.12
C VAL B 545 -6.90 -34.68 14.58
N LYS B 546 -6.43 -35.89 14.26
CA LYS B 546 -7.12 -37.14 14.58
C LYS B 546 -7.55 -37.21 16.05
N GLY B 547 -8.81 -37.58 16.27
CA GLY B 547 -9.35 -37.71 17.63
C GLY B 547 -9.91 -36.42 18.22
N CYS B 548 -9.75 -35.31 17.49
CA CYS B 548 -10.18 -33.98 17.97
C CYS B 548 -9.83 -33.75 19.45
N PRO B 549 -8.53 -33.60 19.77
CA PRO B 549 -8.17 -33.31 21.15
C PRO B 549 -8.61 -31.91 21.58
N PHE B 550 -8.83 -31.72 22.88
CA PHE B 550 -9.16 -30.40 23.40
C PHE B 550 -7.92 -29.53 23.48
N THR B 551 -8.09 -28.24 23.17
CA THR B 551 -7.00 -27.29 23.20
C THR B 551 -7.46 -25.87 23.51
N SER B 552 -6.52 -25.06 23.98
CA SER B 552 -6.68 -23.62 24.17
C SER B 552 -5.27 -23.08 24.35
N PHE B 553 -5.16 -21.78 24.61
CA PHE B 553 -3.85 -21.18 24.81
C PHE B 553 -3.43 -21.15 26.28
N ASN B 554 -4.30 -21.65 27.16
CA ASN B 554 -3.96 -21.78 28.57
C ASN B 554 -4.07 -23.23 29.05
N VAL B 555 -3.44 -23.51 30.19
CA VAL B 555 -3.48 -24.85 30.77
C VAL B 555 -4.74 -25.03 31.64
N GLN B 556 -5.59 -26.03 31.33
CA GLN B 556 -5.54 -26.84 30.11
C GLN B 556 -6.96 -27.00 29.56
#